data_2Y0B
#
_entry.id   2Y0B
#
_cell.length_a   98.000
_cell.length_b   98.000
_cell.length_c   192.900
_cell.angle_alpha   90.00
_cell.angle_beta   90.00
_cell.angle_gamma   120.00
#
_symmetry.space_group_name_H-M   'P 31 2 1'
#
loop_
_entity.id
_entity.type
_entity.pdbx_description
1 polymer 'CASPASE-3 SUBUNIT P17'
2 polymer CASPASE-3
3 polymer DARPIN-3.4_S76R
4 non-polymer (4S)-2-METHYL-2,4-PENTANEDIOL
5 non-polymer (4R)-2-METHYLPENTANE-2,4-DIOL
6 water water
#
loop_
_entity_poly.entity_id
_entity_poly.type
_entity_poly.pdbx_seq_one_letter_code
_entity_poly.pdbx_strand_id
1 'polypeptide(L)'
;MSSGISLDNSYKMDYPEMGLCIIINNKNFHKSTGMTSRSGTDVDAANLRETFRNLKYEVRNKNDLTREEIVELMRDVSKE
DHSKRSSFVCVLLSHGEEGIIFGTNGPVDLKKITNFFRGDRCRSLTGKPKLFIIQA(CSO)RGTELDCGIETD
;
A,C
2 'polypeptide(L)'
;SGVDDDMACHKIPVEADFLYAYSTAPGYYSWRNSKDGSWFIQSLCAMLKQYADKLEFMHILTRVNRKVATEFESFSFDAT
FHAKKQIPCIVSMLTKELYFYHALEVLFQGPHHHHHHH
;
B,D
3 'polypeptide(L)'
;MRGSHHHHHHGSDLGKKLLEATRAGQDDEVRILMANGADVNAMDDAGVTPLHLAAKRGHLEIVEVLLKHGADVNARDIWG
RTPLHLAATVGHLEIVEVLLEYGADVNAQDKFGKTAFDISIDNGNEDLAEILQKLN
;
G,H
#
# COMPACT_ATOMS: atom_id res chain seq x y z
N ASP A 8 -23.07 -1.70 16.47
CA ASP A 8 -22.71 -3.11 16.78
C ASP A 8 -21.29 -3.43 16.30
N ASN A 9 -20.76 -4.55 16.79
CA ASN A 9 -19.37 -4.95 16.53
C ASN A 9 -19.16 -5.77 15.26
N SER A 10 -20.25 -6.30 14.72
CA SER A 10 -20.20 -7.22 13.58
C SER A 10 -21.06 -6.72 12.44
N TYR A 11 -20.57 -6.92 11.21
CA TYR A 11 -21.37 -6.62 10.03
C TYR A 11 -22.65 -7.47 10.03
N LYS A 12 -23.74 -6.85 9.60
CA LYS A 12 -25.00 -7.54 9.37
C LYS A 12 -24.82 -8.51 8.20
N MET A 13 -24.99 -9.80 8.45
CA MET A 13 -24.79 -10.81 7.41
C MET A 13 -26.05 -11.66 7.18
N ASP A 14 -27.19 -11.19 7.67
CA ASP A 14 -28.44 -11.92 7.54
C ASP A 14 -29.40 -11.28 6.53
N TYR A 15 -28.83 -10.56 5.55
CA TYR A 15 -29.59 -10.13 4.38
C TYR A 15 -30.02 -11.38 3.61
N PRO A 16 -31.04 -11.28 2.73
CA PRO A 16 -31.48 -12.47 1.99
C PRO A 16 -30.34 -13.19 1.26
N GLU A 17 -29.35 -12.43 0.79
CA GLU A 17 -28.23 -12.99 0.04
C GLU A 17 -26.89 -12.59 0.63
N MET A 18 -25.93 -13.50 0.56
CA MET A 18 -24.60 -13.24 1.03
C MET A 18 -23.91 -12.19 0.15
N GLY A 19 -24.15 -12.27 -1.15
CA GLY A 19 -23.60 -11.32 -2.11
C GLY A 19 -22.93 -11.97 -3.30
N LEU A 20 -22.42 -11.12 -4.20
CA LEU A 20 -21.70 -11.59 -5.38
C LEU A 20 -20.27 -11.97 -5.04
N CYS A 21 -19.75 -12.97 -5.75
CA CYS A 21 -18.33 -13.28 -5.76
C CYS A 21 -17.87 -13.27 -7.21
N ILE A 22 -17.31 -12.14 -7.63
CA ILE A 22 -16.83 -11.97 -9.00
C ILE A 22 -15.38 -12.46 -9.08
N ILE A 23 -15.13 -13.45 -9.93
CA ILE A 23 -13.78 -13.99 -10.12
C ILE A 23 -13.29 -13.65 -11.52
N ILE A 24 -12.22 -12.86 -11.61
CA ILE A 24 -11.61 -12.58 -12.90
C ILE A 24 -10.35 -13.44 -13.04
N ASN A 25 -10.42 -14.39 -13.98
CA ASN A 25 -9.39 -15.40 -14.15
C ASN A 25 -8.63 -15.22 -15.47
N ASN A 26 -7.52 -14.49 -15.42
CA ASN A 26 -6.70 -14.25 -16.61
C ASN A 26 -5.53 -15.22 -16.73
N LYS A 27 -5.63 -16.14 -17.69
CA LYS A 27 -4.64 -17.19 -17.92
C LYS A 27 -3.75 -16.88 -19.11
N ASN A 28 -4.37 -16.43 -20.20
CA ASN A 28 -3.67 -16.21 -21.46
C ASN A 28 -3.61 -14.74 -21.84
N PHE A 29 -2.43 -14.30 -22.28
CA PHE A 29 -2.18 -12.90 -22.52
C PHE A 29 -1.70 -12.65 -23.94
N HIS A 30 -2.05 -11.49 -24.48
CA HIS A 30 -1.70 -11.11 -25.85
C HIS A 30 -0.19 -11.16 -26.04
N LYS A 31 0.24 -11.62 -27.22
CA LYS A 31 1.66 -11.72 -27.56
C LYS A 31 2.37 -10.39 -27.33
N SER A 32 1.73 -9.29 -27.75
CA SER A 32 2.29 -7.95 -27.63
C SER A 32 2.73 -7.58 -26.22
N THR A 33 2.03 -8.11 -25.20
CA THR A 33 2.38 -7.85 -23.79
C THR A 33 3.64 -8.58 -23.36
N GLY A 34 3.91 -9.72 -23.98
CA GLY A 34 5.04 -10.57 -23.62
C GLY A 34 4.87 -11.27 -22.29
N MET A 35 3.62 -11.44 -21.88
CA MET A 35 3.28 -12.04 -20.60
C MET A 35 2.97 -13.52 -20.74
N THR A 36 3.54 -14.33 -19.84
CA THR A 36 3.41 -15.79 -19.88
C THR A 36 2.01 -16.26 -19.51
N SER A 37 1.69 -17.47 -19.97
CA SER A 37 0.48 -18.17 -19.57
C SER A 37 0.52 -18.48 -18.08
N ARG A 38 -0.60 -18.29 -17.39
CA ARG A 38 -0.65 -18.47 -15.95
C ARG A 38 -1.16 -19.86 -15.56
N SER A 39 -0.34 -20.88 -15.85
CA SER A 39 -0.65 -22.27 -15.51
C SER A 39 -1.05 -22.43 -14.05
N GLY A 40 -2.14 -23.16 -13.82
CA GLY A 40 -2.63 -23.41 -12.47
C GLY A 40 -3.68 -22.44 -11.99
N THR A 41 -3.96 -21.40 -12.78
CA THR A 41 -4.94 -20.40 -12.39
C THR A 41 -6.37 -20.93 -12.44
N ASP A 42 -6.61 -21.89 -13.33
CA ASP A 42 -7.90 -22.58 -13.43
C ASP A 42 -8.18 -23.37 -12.15
N VAL A 43 -7.13 -23.94 -11.56
CA VAL A 43 -7.23 -24.63 -10.28
C VAL A 43 -7.67 -23.64 -9.19
N ASP A 44 -7.10 -22.44 -9.20
CA ASP A 44 -7.52 -21.39 -8.27
C ASP A 44 -8.99 -21.04 -8.47
N ALA A 45 -9.35 -20.78 -9.72
CA ALA A 45 -10.71 -20.33 -10.08
C ALA A 45 -11.76 -21.36 -9.65
N ALA A 46 -11.48 -22.64 -9.91
CA ALA A 46 -12.38 -23.72 -9.49
C ALA A 46 -12.43 -23.86 -7.97
N ASN A 47 -11.28 -23.74 -7.32
CA ASN A 47 -11.18 -23.79 -5.87
C ASN A 47 -11.98 -22.66 -5.20
N LEU A 48 -11.86 -21.45 -5.76
CA LEU A 48 -12.58 -20.28 -5.27
C LEU A 48 -14.09 -20.39 -5.43
N ARG A 49 -14.54 -20.89 -6.59
CA ARG A 49 -15.96 -21.08 -6.82
C ARG A 49 -16.57 -22.05 -5.82
N GLU A 50 -15.90 -23.20 -5.64
CA GLU A 50 -16.35 -24.20 -4.67
C GLU A 50 -16.42 -23.61 -3.25
N THR A 51 -15.36 -22.91 -2.86
CA THR A 51 -15.27 -22.34 -1.52
C THR A 51 -16.34 -21.28 -1.25
N PHE A 52 -16.51 -20.35 -2.19
CA PHE A 52 -17.47 -19.26 -1.99
C PHE A 52 -18.93 -19.64 -2.25
N ARG A 53 -19.17 -20.62 -3.11
CA ARG A 53 -20.54 -21.10 -3.31
C ARG A 53 -21.03 -21.84 -2.06
N ASN A 54 -20.11 -22.53 -1.38
CA ASN A 54 -20.41 -23.18 -0.11
C ASN A 54 -20.66 -22.18 1.02
N LEU A 55 -20.10 -20.98 0.86
CA LEU A 55 -20.38 -19.86 1.75
C LEU A 55 -21.64 -19.08 1.32
N LYS A 56 -22.34 -19.63 0.33
CA LYS A 56 -23.62 -19.10 -0.18
C LYS A 56 -23.48 -17.82 -1.03
N TYR A 57 -22.28 -17.58 -1.56
CA TYR A 57 -22.06 -16.47 -2.49
C TYR A 57 -22.55 -16.84 -3.89
N GLU A 58 -23.03 -15.83 -4.61
CA GLU A 58 -23.41 -15.99 -6.00
C GLU A 58 -22.16 -15.80 -6.84
N VAL A 59 -21.58 -16.90 -7.29
CA VAL A 59 -20.28 -16.89 -7.95
C VAL A 59 -20.39 -16.66 -9.45
N ARG A 60 -19.65 -15.67 -9.94
CA ARG A 60 -19.59 -15.35 -11.37
C ARG A 60 -18.14 -15.35 -11.83
N ASN A 61 -17.77 -16.37 -12.62
CA ASN A 61 -16.42 -16.51 -13.15
CA ASN A 61 -16.42 -16.51 -13.16
C ASN A 61 -16.26 -15.88 -14.53
N LYS A 62 -15.24 -15.04 -14.68
CA LYS A 62 -14.93 -14.43 -15.97
C LYS A 62 -13.51 -14.81 -16.37
N ASN A 63 -13.35 -15.32 -17.59
CA ASN A 63 -12.06 -15.77 -18.08
C ASN A 63 -11.45 -14.82 -19.10
N ASP A 64 -10.13 -14.61 -18.99
CA ASP A 64 -9.35 -13.91 -20.01
C ASP A 64 -9.96 -12.59 -20.47
N LEU A 65 -10.09 -11.64 -19.54
CA LEU A 65 -10.65 -10.34 -19.85
C LEU A 65 -9.58 -9.31 -20.17
N THR A 66 -9.84 -8.51 -21.20
CA THR A 66 -8.99 -7.37 -21.54
C THR A 66 -9.10 -6.31 -20.45
N ARG A 67 -8.18 -5.35 -20.48
CA ARG A 67 -8.21 -4.21 -19.54
C ARG A 67 -9.54 -3.44 -19.62
N GLU A 68 -10.08 -3.29 -20.83
CA GLU A 68 -11.35 -2.58 -21.03
C GLU A 68 -12.53 -3.40 -20.50
N GLU A 69 -12.46 -4.71 -20.69
CA GLU A 69 -13.50 -5.62 -20.20
C GLU A 69 -13.56 -5.65 -18.67
N ILE A 70 -12.40 -5.66 -18.03
CA ILE A 70 -12.33 -5.63 -16.56
C ILE A 70 -13.03 -4.37 -16.01
N VAL A 71 -12.69 -3.21 -16.57
CA VAL A 71 -13.28 -1.94 -16.15
C VAL A 71 -14.79 -1.94 -16.41
N GLU A 72 -15.20 -2.35 -17.60
CA GLU A 72 -16.62 -2.41 -17.97
C GLU A 72 -17.41 -3.32 -17.03
N LEU A 73 -16.87 -4.52 -16.77
CA LEU A 73 -17.47 -5.48 -15.85
C LEU A 73 -17.69 -4.88 -14.46
N MET A 74 -16.65 -4.24 -13.93
CA MET A 74 -16.69 -3.69 -12.58
C MET A 74 -17.64 -2.50 -12.49
N ARG A 75 -17.66 -1.67 -13.52
CA ARG A 75 -18.62 -0.57 -13.59
C ARG A 75 -20.04 -1.11 -13.56
N ASP A 76 -20.32 -2.09 -14.43
CA ASP A 76 -21.63 -2.73 -14.52
C ASP A 76 -22.06 -3.39 -13.21
N VAL A 77 -21.14 -4.12 -12.58
CA VAL A 77 -21.43 -4.82 -11.32
C VAL A 77 -21.74 -3.83 -10.19
N SER A 78 -20.99 -2.73 -10.14
CA SER A 78 -21.21 -1.67 -9.15
C SER A 78 -22.54 -0.95 -9.35
N LYS A 79 -23.10 -1.02 -10.56
CA LYS A 79 -24.37 -0.35 -10.85
C LYS A 79 -25.58 -1.27 -10.67
N GLU A 80 -25.32 -2.52 -10.28
CA GLU A 80 -26.38 -3.46 -9.94
C GLU A 80 -26.99 -3.12 -8.59
N ASP A 81 -28.19 -3.64 -8.35
CA ASP A 81 -28.86 -3.51 -7.07
C ASP A 81 -28.29 -4.53 -6.09
N HIS A 82 -27.53 -4.06 -5.10
CA HIS A 82 -26.97 -4.93 -4.06
C HIS A 82 -27.72 -4.82 -2.74
N SER A 83 -28.92 -4.23 -2.76
CA SER A 83 -29.62 -3.91 -1.51
C SER A 83 -30.01 -5.13 -0.68
N LYS A 84 -30.19 -6.27 -1.35
CA LYS A 84 -30.54 -7.51 -0.65
C LYS A 84 -29.31 -8.38 -0.34
N ARG A 85 -28.13 -7.83 -0.60
CA ARG A 85 -26.87 -8.55 -0.42
C ARG A 85 -26.10 -8.06 0.81
N SER A 86 -25.54 -9.01 1.57
CA SER A 86 -24.81 -8.70 2.80
C SER A 86 -23.44 -8.10 2.55
N SER A 87 -22.82 -8.50 1.44
CA SER A 87 -21.44 -8.16 1.17
C SER A 87 -21.13 -8.21 -0.33
N PHE A 88 -19.89 -7.92 -0.67
CA PHE A 88 -19.40 -8.07 -2.03
C PHE A 88 -17.99 -8.66 -2.04
N VAL A 89 -17.77 -9.66 -2.89
CA VAL A 89 -16.44 -10.23 -3.07
C VAL A 89 -16.00 -10.13 -4.52
N CYS A 90 -14.78 -9.66 -4.72
CA CYS A 90 -14.14 -9.70 -6.03
C CYS A 90 -12.77 -10.35 -5.92
N VAL A 91 -12.53 -11.39 -6.71
CA VAL A 91 -11.24 -12.08 -6.73
C VAL A 91 -10.53 -11.81 -8.04
N LEU A 92 -9.31 -11.30 -7.96
CA LEU A 92 -8.52 -10.99 -9.14
C LEU A 92 -7.34 -11.95 -9.26
N LEU A 93 -7.31 -12.71 -10.36
CA LEU A 93 -6.25 -13.67 -10.63
C LEU A 93 -5.59 -13.28 -11.95
N SER A 94 -4.41 -12.67 -11.86
CA SER A 94 -3.71 -12.20 -13.05
C SER A 94 -2.24 -11.92 -12.75
N HIS A 95 -1.51 -11.45 -13.76
CA HIS A 95 -0.21 -10.84 -13.53
C HIS A 95 -0.46 -9.48 -12.88
N GLY A 96 0.58 -8.94 -12.25
CA GLY A 96 0.45 -7.64 -11.62
C GLY A 96 1.74 -6.88 -11.43
N GLU A 97 1.59 -5.62 -11.03
CA GLU A 97 2.67 -4.77 -10.56
C GLU A 97 2.10 -4.04 -9.35
N GLU A 98 2.92 -3.27 -8.65
CA GLU A 98 2.42 -2.49 -7.51
C GLU A 98 1.26 -1.60 -7.94
N GLY A 99 0.09 -1.84 -7.34
CA GLY A 99 -1.12 -1.05 -7.61
C GLY A 99 -1.79 -1.36 -8.94
N ILE A 100 -1.38 -2.46 -9.56
CA ILE A 100 -1.78 -2.77 -10.92
C ILE A 100 -2.18 -4.23 -11.08
N ILE A 101 -3.28 -4.45 -11.81
CA ILE A 101 -3.67 -5.79 -12.23
C ILE A 101 -3.69 -5.81 -13.76
N PHE A 102 -3.32 -6.92 -14.37
CA PHE A 102 -3.24 -6.99 -15.82
C PHE A 102 -4.48 -7.60 -16.48
N GLY A 103 -5.04 -6.86 -17.42
CA GLY A 103 -5.94 -7.44 -18.41
C GLY A 103 -5.08 -8.17 -19.43
N THR A 104 -5.72 -8.98 -20.28
CA THR A 104 -5.01 -9.77 -21.28
C THR A 104 -4.15 -8.91 -22.22
N ASN A 105 -4.56 -7.66 -22.42
CA ASN A 105 -3.90 -6.75 -23.34
C ASN A 105 -3.16 -5.57 -22.68
N GLY A 106 -3.09 -5.57 -21.35
CA GLY A 106 -2.39 -4.51 -20.64
C GLY A 106 -2.88 -4.19 -19.25
N PRO A 107 -2.18 -3.25 -18.56
CA PRO A 107 -2.39 -2.93 -17.15
C PRO A 107 -3.66 -2.14 -16.84
N VAL A 108 -4.32 -2.51 -15.74
CA VAL A 108 -5.42 -1.72 -15.17
C VAL A 108 -5.01 -1.26 -13.77
N ASP A 109 -5.24 0.03 -13.50
CA ASP A 109 -5.04 0.60 -12.17
CA ASP A 109 -5.03 0.58 -12.17
C ASP A 109 -6.07 0.00 -11.20
N LEU A 110 -5.59 -0.68 -10.17
CA LEU A 110 -6.47 -1.29 -9.15
C LEU A 110 -7.41 -0.29 -8.50
N LYS A 111 -6.94 0.93 -8.31
CA LYS A 111 -7.73 2.02 -7.74
C LYS A 111 -8.95 2.34 -8.60
N LYS A 112 -8.78 2.29 -9.93
CA LYS A 112 -9.90 2.51 -10.85
C LYS A 112 -10.99 1.45 -10.69
N ILE A 113 -10.58 0.20 -10.50
CA ILE A 113 -11.48 -0.93 -10.26
C ILE A 113 -12.30 -0.74 -8.98
N THR A 114 -11.60 -0.48 -7.89
CA THR A 114 -12.21 -0.42 -6.56
C THR A 114 -13.03 0.86 -6.34
N ASN A 115 -12.69 1.93 -7.06
CA ASN A 115 -13.41 3.22 -6.96
C ASN A 115 -14.89 3.11 -7.27
N PHE A 116 -15.26 2.18 -8.16
CA PHE A 116 -16.66 1.95 -8.52
C PHE A 116 -17.50 1.57 -7.29
N PHE A 117 -16.85 1.02 -6.28
CA PHE A 117 -17.53 0.50 -5.10
C PHE A 117 -17.40 1.40 -3.87
N ARG A 118 -16.82 2.58 -4.05
CA ARG A 118 -16.78 3.61 -3.01
C ARG A 118 -18.14 3.82 -2.36
N GLY A 119 -18.13 4.14 -1.06
CA GLY A 119 -19.36 4.36 -0.31
C GLY A 119 -20.36 5.30 -0.95
N ASP A 120 -19.86 6.28 -1.71
CA ASP A 120 -20.72 7.27 -2.36
C ASP A 120 -21.12 6.90 -3.80
N ARG A 121 -20.45 5.90 -4.37
CA ARG A 121 -20.69 5.54 -5.77
C ARG A 121 -21.49 4.25 -5.93
N CYS A 122 -21.38 3.36 -4.97
CA CYS A 122 -22.21 2.16 -4.92
C CYS A 122 -23.02 2.19 -3.63
N ARG A 123 -24.15 2.86 -3.68
CA ARG A 123 -24.97 3.14 -2.51
C ARG A 123 -25.61 1.91 -1.88
N SER A 124 -25.87 0.88 -2.68
CA SER A 124 -26.45 -0.36 -2.17
C SER A 124 -25.41 -1.26 -1.46
N LEU A 125 -24.15 -0.83 -1.47
CA LEU A 125 -23.11 -1.50 -0.69
C LEU A 125 -22.50 -0.61 0.39
N THR A 126 -23.02 0.61 0.55
CA THR A 126 -22.59 1.50 1.62
C THR A 126 -22.82 0.82 2.97
N GLY A 127 -21.79 0.78 3.81
CA GLY A 127 -21.87 0.17 5.14
C GLY A 127 -21.70 -1.33 5.12
N LYS A 128 -21.46 -1.90 3.95
CA LYS A 128 -21.31 -3.34 3.77
C LYS A 128 -19.88 -3.69 3.38
N PRO A 129 -19.36 -4.84 3.86
CA PRO A 129 -17.97 -5.21 3.58
C PRO A 129 -17.74 -5.52 2.10
N LYS A 130 -16.71 -4.90 1.55
CA LYS A 130 -16.34 -5.06 0.14
C LYS A 130 -14.95 -5.67 0.11
N LEU A 131 -14.88 -6.93 -0.31
CA LEU A 131 -13.66 -7.73 -0.18
C LEU A 131 -13.00 -7.95 -1.52
N PHE A 132 -11.77 -7.47 -1.63
CA PHE A 132 -10.99 -7.64 -2.85
C PHE A 132 -9.83 -8.57 -2.55
N ILE A 133 -9.86 -9.73 -3.20
CA ILE A 133 -8.84 -10.74 -3.02
C ILE A 133 -7.97 -10.73 -4.26
N ILE A 134 -6.71 -10.35 -4.07
CA ILE A 134 -5.81 -10.03 -5.17
C ILE A 134 -4.63 -10.99 -5.25
N GLN A 135 -4.76 -11.97 -6.15
CA GLN A 135 -3.68 -12.88 -6.48
C GLN A 135 -2.98 -12.36 -7.73
N ALA A 136 -1.89 -11.62 -7.50
CA ALA A 136 -1.15 -10.94 -8.56
C ALA A 136 0.16 -10.45 -8.00
N ARG A 138 3.18 -7.89 -7.14
CA ARG A 138 3.23 -6.48 -6.75
C ARG A 138 4.62 -5.95 -7.03
N GLY A 139 5.32 -6.66 -7.91
CA GLY A 139 6.71 -6.41 -8.24
C GLY A 139 7.42 -7.73 -8.51
N THR A 140 8.74 -7.68 -8.60
CA THR A 140 9.54 -8.85 -8.95
C THR A 140 10.47 -9.25 -7.81
N GLU A 141 10.38 -8.52 -6.71
CA GLU A 141 11.19 -8.76 -5.52
C GLU A 141 10.92 -10.15 -4.97
N LEU A 142 12.00 -10.82 -4.54
CA LEU A 142 11.93 -12.16 -3.97
C LEU A 142 12.35 -12.15 -2.50
N ASP A 143 11.56 -12.80 -1.66
CA ASP A 143 11.83 -12.89 -0.23
C ASP A 143 12.73 -14.10 0.04
N CYS A 144 13.99 -13.83 0.43
CA CYS A 144 14.98 -14.90 0.68
C CYS A 144 14.69 -15.71 1.94
N GLY A 145 13.82 -15.19 2.81
CA GLY A 145 13.47 -15.87 4.05
C GLY A 145 14.60 -15.87 5.08
N ILE A 146 14.30 -16.40 6.26
CA ILE A 146 15.24 -16.51 7.37
C ILE A 146 14.91 -17.73 8.21
N GLU A 147 15.94 -18.43 8.70
CA GLU A 147 15.77 -19.68 9.45
C GLU A 147 14.96 -19.49 10.72
N THR A 148 14.03 -20.40 10.96
CA THR A 148 13.04 -20.27 12.03
C THR A 148 13.61 -20.54 13.43
N CYS B 9 -25.44 15.90 9.46
CA CYS B 9 -25.83 14.46 9.44
C CYS B 9 -24.60 13.57 9.60
N HIS B 10 -24.81 12.37 10.12
CA HIS B 10 -23.71 11.42 10.33
C HIS B 10 -23.25 10.78 9.03
N LYS B 11 -21.93 10.71 8.86
CA LYS B 11 -21.35 10.15 7.65
C LYS B 11 -20.30 9.09 7.97
N ILE B 12 -20.01 8.27 6.97
CA ILE B 12 -18.84 7.40 7.00
C ILE B 12 -17.94 7.75 5.81
N PRO B 13 -16.63 7.43 5.90
CA PRO B 13 -15.71 7.65 4.78
C PRO B 13 -16.09 6.79 3.57
N VAL B 14 -15.89 7.34 2.36
CA VAL B 14 -16.18 6.61 1.12
C VAL B 14 -15.23 5.43 0.91
N GLU B 15 -14.11 5.45 1.63
CA GLU B 15 -13.09 4.40 1.55
C GLU B 15 -13.29 3.35 2.64
N ALA B 16 -14.21 3.60 3.56
CA ALA B 16 -14.52 2.65 4.64
C ALA B 16 -15.14 1.34 4.11
N ASP B 17 -14.98 0.27 4.90
CA ASP B 17 -15.59 -1.04 4.65
C ASP B 17 -15.04 -1.75 3.41
N PHE B 18 -13.78 -1.47 3.09
CA PHE B 18 -13.07 -2.22 2.06
C PHE B 18 -12.04 -3.10 2.76
N LEU B 19 -11.88 -4.33 2.26
CA LEU B 19 -10.73 -5.14 2.63
C LEU B 19 -10.03 -5.62 1.38
N TYR B 20 -8.72 -5.38 1.33
CA TYR B 20 -7.89 -5.84 0.22
C TYR B 20 -6.97 -6.93 0.73
N ALA B 21 -7.29 -8.17 0.38
CA ALA B 21 -6.47 -9.30 0.77
C ALA B 21 -5.47 -9.59 -0.34
N TYR B 22 -4.28 -9.04 -0.20
CA TYR B 22 -3.20 -9.28 -1.16
C TYR B 22 -2.51 -10.59 -0.88
N SER B 23 -2.19 -11.30 -1.96
CA SER B 23 -1.42 -12.55 -1.91
C SER B 23 0.00 -12.34 -1.41
N THR B 24 0.51 -11.14 -1.57
CA THR B 24 1.92 -10.86 -1.30
C THR B 24 2.16 -9.43 -0.82
N ALA B 25 3.31 -9.21 -0.18
CA ALA B 25 3.68 -7.90 0.33
C ALA B 25 3.97 -6.94 -0.82
N PRO B 26 3.84 -5.61 -0.57
CA PRO B 26 4.16 -4.63 -1.63
C PRO B 26 5.56 -4.84 -2.20
N GLY B 27 5.69 -4.78 -3.52
CA GLY B 27 6.99 -4.93 -4.16
C GLY B 27 7.36 -6.35 -4.54
N TYR B 28 6.64 -7.34 -4.00
CA TYR B 28 7.03 -8.75 -4.14
C TYR B 28 6.31 -9.52 -5.22
N TYR B 29 7.02 -10.50 -5.78
CA TYR B 29 6.43 -11.50 -6.67
C TYR B 29 5.42 -12.34 -5.89
N SER B 30 4.46 -12.93 -6.60
CA SER B 30 3.47 -13.82 -5.99
C SER B 30 3.55 -15.21 -6.62
N TRP B 31 3.83 -16.21 -5.79
CA TRP B 31 4.16 -17.55 -6.27
C TRP B 31 2.94 -18.41 -6.59
N ARG B 32 3.08 -19.19 -7.67
CA ARG B 32 2.04 -20.11 -8.12
C ARG B 32 2.64 -21.47 -8.45
N ASN B 33 1.81 -22.50 -8.33
CA ASN B 33 2.18 -23.86 -8.74
C ASN B 33 1.24 -24.31 -9.85
N SER B 34 1.81 -24.92 -10.89
CA SER B 34 1.06 -25.32 -12.10
C SER B 34 -0.10 -26.27 -11.81
N LYS B 35 0.06 -27.13 -10.82
CA LYS B 35 -0.94 -28.18 -10.55
C LYS B 35 -1.86 -27.87 -9.37
N ASP B 36 -1.34 -27.20 -8.35
CA ASP B 36 -2.11 -26.93 -7.14
C ASP B 36 -2.68 -25.50 -7.11
N GLY B 37 -2.16 -24.64 -7.98
CA GLY B 37 -2.58 -23.24 -8.01
C GLY B 37 -1.62 -22.34 -7.25
N SER B 38 -2.05 -21.11 -6.98
CA SER B 38 -1.22 -20.16 -6.26
C SER B 38 -1.18 -20.53 -4.78
N TRP B 39 -0.06 -20.23 -4.13
CA TRP B 39 0.10 -20.51 -2.70
C TRP B 39 -1.01 -19.84 -1.86
N PHE B 40 -1.29 -18.58 -2.18
CA PHE B 40 -2.26 -17.78 -1.42
C PHE B 40 -3.70 -18.29 -1.57
N ILE B 41 -4.14 -18.52 -2.80
CA ILE B 41 -5.51 -19.00 -3.03
C ILE B 41 -5.75 -20.40 -2.47
N GLN B 42 -4.74 -21.28 -2.59
CA GLN B 42 -4.78 -22.59 -1.94
C GLN B 42 -5.07 -22.44 -0.45
N SER B 43 -4.25 -21.63 0.22
CA SER B 43 -4.31 -21.43 1.66
C SER B 43 -5.58 -20.70 2.09
N LEU B 44 -5.99 -19.72 1.29
CA LEU B 44 -7.22 -18.98 1.57
C LEU B 44 -8.43 -19.91 1.53
N CYS B 45 -8.53 -20.71 0.47
CA CYS B 45 -9.63 -21.66 0.33
C CYS B 45 -9.63 -22.69 1.45
N ALA B 46 -8.45 -23.23 1.76
CA ALA B 46 -8.29 -24.21 2.84
C ALA B 46 -8.67 -23.64 4.20
N MET B 47 -8.24 -22.41 4.47
CA MET B 47 -8.56 -21.77 5.75
C MET B 47 -10.03 -21.37 5.87
N LEU B 48 -10.64 -20.94 4.77
CA LEU B 48 -12.07 -20.66 4.76
C LEU B 48 -12.90 -21.91 4.99
N LYS B 49 -12.53 -23.01 4.33
CA LYS B 49 -13.21 -24.30 4.51
C LYS B 49 -13.15 -24.78 5.97
N GLN B 50 -12.00 -24.57 6.60
CA GLN B 50 -11.79 -25.05 7.97
C GLN B 50 -12.35 -24.13 9.04
N TYR B 51 -12.32 -22.81 8.80
CA TYR B 51 -12.57 -21.83 9.86
C TYR B 51 -13.71 -20.84 9.65
N ALA B 52 -14.34 -20.86 8.49
CA ALA B 52 -15.43 -19.91 8.19
C ALA B 52 -16.59 -20.00 9.19
N ASP B 53 -16.71 -21.15 9.86
CA ASP B 53 -17.74 -21.37 10.86
C ASP B 53 -17.24 -21.18 12.29
N LYS B 54 -15.97 -20.79 12.43
CA LYS B 54 -15.30 -20.74 13.75
C LYS B 54 -14.66 -19.40 14.07
N LEU B 55 -14.10 -18.75 13.05
CA LEU B 55 -13.30 -17.54 13.27
C LEU B 55 -13.81 -16.31 12.51
N GLU B 56 -13.55 -15.14 13.09
CA GLU B 56 -13.72 -13.87 12.41
C GLU B 56 -12.76 -13.80 11.23
N PHE B 57 -13.15 -13.07 10.19
CA PHE B 57 -12.41 -13.04 8.93
C PHE B 57 -10.94 -12.63 9.05
N MET B 58 -10.64 -11.63 9.88
CA MET B 58 -9.25 -11.19 10.08
C MET B 58 -8.41 -12.33 10.62
N HIS B 59 -9.00 -13.11 11.52
CA HIS B 59 -8.30 -14.25 12.12
C HIS B 59 -8.14 -15.41 11.14
N ILE B 60 -9.11 -15.57 10.23
CA ILE B 60 -8.97 -16.53 9.12
C ILE B 60 -7.80 -16.11 8.23
N LEU B 61 -7.74 -14.82 7.90
CA LEU B 61 -6.68 -14.29 7.03
C LEU B 61 -5.30 -14.35 7.68
N THR B 62 -5.27 -14.31 9.01
CA THR B 62 -4.03 -14.47 9.77
C THR B 62 -3.52 -15.92 9.71
N ARG B 63 -4.44 -16.89 9.78
CA ARG B 63 -4.11 -18.30 9.54
C ARG B 63 -3.55 -18.51 8.13
N VAL B 64 -4.12 -17.79 7.16
CA VAL B 64 -3.63 -17.83 5.78
C VAL B 64 -2.20 -17.30 5.70
N ASN B 65 -1.94 -16.19 6.39
CA ASN B 65 -0.59 -15.62 6.43
C ASN B 65 0.42 -16.63 6.94
N ARG B 66 0.11 -17.29 8.06
CA ARG B 66 0.98 -18.29 8.66
C ARG B 66 1.15 -19.50 7.75
N LYS B 67 0.05 -19.98 7.17
CA LYS B 67 0.09 -21.12 6.27
C LYS B 67 1.02 -20.85 5.09
N VAL B 68 0.87 -19.70 4.46
CA VAL B 68 1.70 -19.32 3.32
C VAL B 68 3.16 -19.10 3.73
N ALA B 69 3.35 -18.49 4.90
CA ALA B 69 4.67 -18.16 5.43
C ALA B 69 5.49 -19.39 5.83
N THR B 70 4.81 -20.41 6.35
CA THR B 70 5.50 -21.56 6.95
C THR B 70 5.51 -22.83 6.09
N GLU B 71 4.45 -23.04 5.32
CA GLU B 71 4.27 -24.32 4.58
C GLU B 71 4.75 -24.30 3.13
N PHE B 72 5.08 -23.12 2.62
CA PHE B 72 5.49 -22.98 1.23
C PHE B 72 6.90 -22.45 1.12
N GLU B 73 7.64 -23.01 0.17
CA GLU B 73 8.95 -22.52 -0.20
C GLU B 73 9.14 -22.87 -1.67
N SER B 74 9.72 -21.95 -2.43
CA SER B 74 9.87 -22.16 -3.88
C SER B 74 10.93 -23.21 -4.19
N PHE B 75 10.67 -23.97 -5.25
CA PHE B 75 11.66 -24.87 -5.80
C PHE B 75 11.98 -24.41 -7.21
N SER B 76 13.26 -24.17 -7.46
CA SER B 76 13.72 -23.81 -8.78
C SER B 76 15.07 -24.41 -9.11
N PHE B 77 15.22 -24.85 -10.35
CA PHE B 77 16.48 -25.37 -10.86
C PHE B 77 17.47 -24.23 -11.14
N ASP B 78 16.95 -23.01 -11.06
CA ASP B 78 17.76 -21.80 -11.11
C ASP B 78 17.87 -21.25 -9.70
N ALA B 79 19.09 -21.23 -9.17
CA ALA B 79 19.38 -20.79 -7.80
C ALA B 79 18.87 -19.39 -7.49
N THR B 80 18.82 -18.54 -8.52
CA THR B 80 18.25 -17.19 -8.42
C THR B 80 16.84 -17.21 -7.84
N PHE B 81 16.07 -18.26 -8.18
CA PHE B 81 14.65 -18.32 -7.83
C PHE B 81 14.32 -19.37 -6.78
N HIS B 82 15.34 -20.02 -6.24
CA HIS B 82 15.16 -21.20 -5.39
C HIS B 82 15.05 -20.83 -3.91
N ALA B 83 14.20 -21.57 -3.19
CA ALA B 83 14.06 -21.47 -1.73
C ALA B 83 13.50 -20.12 -1.27
N LYS B 84 12.65 -19.51 -2.11
CA LYS B 84 12.08 -18.21 -1.81
C LYS B 84 10.80 -18.34 -1.00
N LYS B 85 10.49 -17.30 -0.24
CA LYS B 85 9.40 -17.31 0.72
C LYS B 85 8.38 -16.23 0.37
N GLN B 86 7.20 -16.30 0.99
CA GLN B 86 6.15 -15.36 0.69
C GLN B 86 5.26 -15.10 1.92
N ILE B 87 5.01 -13.82 2.18
CA ILE B 87 4.01 -13.43 3.15
C ILE B 87 2.90 -12.67 2.44
N PRO B 88 1.63 -13.03 2.71
CA PRO B 88 0.54 -12.21 2.17
C PRO B 88 0.40 -10.90 2.96
N CYS B 89 -0.52 -10.04 2.52
CA CYS B 89 -0.63 -8.71 3.06
C CYS B 89 -2.10 -8.35 3.22
N ILE B 90 -2.58 -8.36 4.46
CA ILE B 90 -3.97 -8.01 4.75
C ILE B 90 -4.11 -6.50 4.90
N VAL B 91 -4.96 -5.90 4.07
CA VAL B 91 -5.19 -4.45 4.12
C VAL B 91 -6.66 -4.17 4.45
N SER B 92 -6.92 -3.75 5.69
CA SER B 92 -8.28 -3.61 6.16
C SER B 92 -8.69 -2.17 6.46
N MET B 93 -9.71 -1.70 5.72
CA MET B 93 -10.43 -0.48 6.06
C MET B 93 -11.83 -0.84 6.56
N LEU B 94 -11.97 -2.07 7.08
CA LEU B 94 -13.24 -2.50 7.67
C LEU B 94 -13.50 -1.81 9.01
N THR B 95 -14.77 -1.64 9.34
CA THR B 95 -15.16 -0.96 10.58
C THR B 95 -15.81 -1.92 11.57
N LYS B 96 -16.02 -3.16 11.12
CA LYS B 96 -16.66 -4.18 11.94
C LYS B 96 -16.01 -5.53 11.74
N GLU B 97 -16.26 -6.43 12.69
CA GLU B 97 -15.87 -7.83 12.57
C GLU B 97 -16.76 -8.53 11.54
N LEU B 98 -16.16 -9.45 10.79
CA LEU B 98 -16.88 -10.18 9.74
C LEU B 98 -16.89 -11.66 10.07
N TYR B 99 -18.09 -12.18 10.31
CA TYR B 99 -18.31 -13.60 10.54
C TYR B 99 -19.22 -14.13 9.44
N PHE B 100 -18.79 -15.20 8.78
CA PHE B 100 -19.60 -15.79 7.72
C PHE B 100 -20.80 -16.59 8.24
N TYR B 101 -20.79 -16.95 9.52
CA TYR B 101 -21.88 -17.77 10.10
C TYR B 101 -23.02 -16.97 10.73
N HIS B 102 -22.98 -15.65 10.59
CA HIS B 102 -24.06 -14.78 11.06
C HIS B 102 -25.20 -14.73 10.06
N ASP C 8 1.76 -22.31 17.50
CA ASP C 8 0.49 -21.91 18.19
C ASP C 8 -0.24 -20.83 17.38
N ASN C 9 -1.44 -20.46 17.83
CA ASN C 9 -2.26 -19.47 17.17
C ASN C 9 -1.95 -18.02 17.56
N SER C 10 -1.27 -17.86 18.69
CA SER C 10 -0.99 -16.55 19.25
C SER C 10 0.51 -16.35 19.45
N TYR C 11 0.96 -15.10 19.31
CA TYR C 11 2.35 -14.75 19.62
C TYR C 11 2.64 -14.95 21.10
N LYS C 12 3.82 -15.52 21.38
CA LYS C 12 4.33 -15.63 22.74
C LYS C 12 4.59 -14.23 23.29
N MET C 13 3.84 -13.86 24.32
CA MET C 13 3.96 -12.52 24.92
C MET C 13 4.42 -12.56 26.38
N ASP C 14 4.94 -13.71 26.82
CA ASP C 14 5.42 -13.85 28.19
C ASP C 14 6.95 -13.94 28.30
N TYR C 15 7.64 -13.23 27.41
CA TYR C 15 9.05 -12.94 27.57
C TYR C 15 9.21 -11.99 28.77
N PRO C 16 10.41 -11.93 29.38
CA PRO C 16 10.58 -11.08 30.57
C PRO C 16 10.13 -9.64 30.36
N GLU C 17 10.30 -9.13 29.14
CA GLU C 17 9.90 -7.76 28.81
C GLU C 17 8.90 -7.75 27.65
N MET C 18 8.01 -6.76 27.67
CA MET C 18 7.00 -6.62 26.62
C MET C 18 7.66 -6.10 25.34
N GLY C 19 8.61 -5.19 25.50
CA GLY C 19 9.37 -4.65 24.38
C GLY C 19 9.49 -3.15 24.41
N LEU C 20 10.16 -2.60 23.39
CA LEU C 20 10.35 -1.16 23.26
C LEU C 20 9.15 -0.53 22.57
N CYS C 21 8.81 0.68 23.01
CA CYS C 21 7.88 1.53 22.30
C CYS C 21 8.61 2.82 21.97
N ILE C 22 9.06 2.91 20.73
CA ILE C 22 9.81 4.06 20.24
C ILE C 22 8.81 5.03 19.64
N ILE C 23 8.73 6.23 20.20
CA ILE C 23 7.83 7.25 19.67
C ILE C 23 8.64 8.37 19.04
N ILE C 24 8.46 8.59 17.75
CA ILE C 24 9.08 9.72 17.08
C ILE C 24 8.05 10.84 16.91
N ASN C 25 8.24 11.92 17.68
CA ASN C 25 7.27 13.00 17.76
C ASN C 25 7.79 14.27 17.11
N ASN C 26 7.45 14.45 15.83
CA ASN C 26 7.91 15.62 15.10
C ASN C 26 6.86 16.72 15.05
N LYS C 27 7.16 17.84 15.71
CA LYS C 27 6.26 18.98 15.79
C LYS C 27 6.74 20.15 14.94
N ASN C 28 8.02 20.49 15.05
CA ASN C 28 8.60 21.66 14.39
C ASN C 28 9.45 21.31 13.20
N PHE C 29 9.19 21.98 12.08
CA PHE C 29 9.82 21.65 10.82
C PHE C 29 10.58 22.83 10.23
N HIS C 30 11.71 22.53 9.59
CA HIS C 30 12.55 23.55 8.95
C HIS C 30 11.74 24.32 7.90
N LYS C 31 11.95 25.63 7.85
CA LYS C 31 11.25 26.51 6.90
C LYS C 31 11.37 26.04 5.45
N SER C 32 12.56 25.56 5.08
CA SER C 32 12.88 25.12 3.72
C SER C 32 11.96 24.00 3.23
N THR C 33 11.44 23.22 4.16
CA THR C 33 10.51 22.14 3.83
C THR C 33 9.12 22.68 3.50
N GLY C 34 8.83 23.91 3.95
CA GLY C 34 7.53 24.54 3.74
C GLY C 34 6.37 23.90 4.50
N MET C 35 6.69 23.05 5.48
N MET C 35 6.69 23.02 5.45
CA MET C 35 5.69 22.34 6.25
CA MET C 35 5.69 22.32 6.25
C MET C 35 5.34 23.08 7.53
C MET C 35 5.32 23.12 7.49
N THR C 36 4.07 22.97 7.93
CA THR C 36 3.57 23.68 9.12
C THR C 36 3.90 22.92 10.41
N SER C 37 3.90 23.65 11.52
CA SER C 37 3.98 23.08 12.86
C SER C 37 2.79 22.15 13.12
N ARG C 38 3.05 21.03 13.79
CA ARG C 38 1.98 20.03 14.02
C ARG C 38 1.37 20.15 15.42
N SER C 39 0.58 21.20 15.62
CA SER C 39 -0.14 21.44 16.87
C SER C 39 -0.92 20.20 17.33
N GLY C 40 -0.80 19.88 18.61
CA GLY C 40 -1.50 18.74 19.19
C GLY C 40 -0.75 17.43 19.18
N THR C 41 0.42 17.40 18.53
CA THR C 41 1.23 16.18 18.47
C THR C 41 1.78 15.78 19.85
N ASP C 42 2.06 16.77 20.69
CA ASP C 42 2.53 16.53 22.06
C ASP C 42 1.48 15.80 22.88
N VAL C 43 0.21 16.13 22.65
CA VAL C 43 -0.91 15.43 23.28
C VAL C 43 -0.91 13.95 22.88
N ASP C 44 -0.74 13.68 21.58
CA ASP C 44 -0.60 12.30 21.07
C ASP C 44 0.53 11.57 21.77
N ALA C 45 1.71 12.21 21.82
CA ALA C 45 2.92 11.60 22.36
C ALA C 45 2.75 11.18 23.83
N ALA C 46 2.18 12.08 24.63
CA ALA C 46 1.93 11.81 26.05
C ALA C 46 0.86 10.73 26.24
N ASN C 47 -0.18 10.80 25.42
CA ASN C 47 -1.25 9.79 25.39
C ASN C 47 -0.69 8.40 25.10
N LEU C 48 0.19 8.30 24.10
CA LEU C 48 0.84 7.04 23.72
C LEU C 48 1.79 6.51 24.79
N ARG C 49 2.55 7.40 25.42
CA ARG C 49 3.45 7.01 26.50
C ARG C 49 2.68 6.36 27.64
N GLU C 50 1.63 7.05 28.10
CA GLU C 50 0.74 6.53 29.14
C GLU C 50 0.13 5.19 28.75
N THR C 51 -0.42 5.13 27.54
CA THR C 51 -1.09 3.92 27.04
C THR C 51 -0.15 2.73 26.97
N PHE C 52 1.01 2.91 26.33
CA PHE C 52 1.96 1.81 26.15
C PHE C 52 2.79 1.47 27.39
N ARG C 53 3.03 2.43 28.28
CA ARG C 53 3.71 2.13 29.55
C ARG C 53 2.81 1.32 30.48
N ASN C 54 1.50 1.56 30.40
CA ASN C 54 0.52 0.78 31.16
C ASN C 54 0.40 -0.64 30.61
N LEU C 55 0.83 -0.82 29.36
CA LEU C 55 0.94 -2.15 28.75
C LEU C 55 2.31 -2.78 29.00
N LYS C 56 3.09 -2.13 29.88
CA LYS C 56 4.43 -2.58 30.29
C LYS C 56 5.50 -2.49 29.20
N TYR C 57 5.25 -1.63 28.20
CA TYR C 57 6.26 -1.33 27.19
C TYR C 57 7.29 -0.33 27.71
N GLU C 58 8.52 -0.50 27.28
CA GLU C 58 9.59 0.44 27.58
C GLU C 58 9.49 1.60 26.59
N VAL C 59 8.89 2.70 27.04
CA VAL C 59 8.62 3.83 26.16
C VAL C 59 9.82 4.77 26.04
N ARG C 60 10.21 5.03 24.80
CA ARG C 60 11.27 5.98 24.51
C ARG C 60 10.76 7.01 23.50
N ASN C 61 10.65 8.26 23.95
CA ASN C 61 10.11 9.34 23.14
C ASN C 61 11.19 10.27 22.61
N LYS C 62 11.16 10.53 21.31
CA LYS C 62 12.13 11.43 20.69
C LYS C 62 11.40 12.57 19.99
N ASN C 63 11.75 13.80 20.34
CA ASN C 63 11.13 14.99 19.76
C ASN C 63 11.98 15.57 18.64
N ASP C 64 11.30 16.00 17.57
CA ASP C 64 11.91 16.78 16.49
C ASP C 64 13.22 16.20 15.93
N LEU C 65 13.12 15.03 15.34
CA LEU C 65 14.26 14.37 14.72
C LEU C 65 14.33 14.69 13.24
N THR C 66 15.53 15.04 12.78
CA THR C 66 15.80 15.20 11.36
C THR C 66 15.70 13.83 10.68
N ARG C 67 15.65 13.83 9.35
CA ARG C 67 15.69 12.58 8.59
C ARG C 67 16.90 11.71 8.97
N GLU C 68 18.07 12.35 9.13
CA GLU C 68 19.30 11.65 9.50
C GLU C 68 19.18 11.00 10.89
N GLU C 69 18.59 11.73 11.83
CA GLU C 69 18.39 11.25 13.20
C GLU C 69 17.38 10.09 13.29
N ILE C 70 16.31 10.15 12.49
CA ILE C 70 15.35 9.06 12.42
C ILE C 70 16.03 7.77 11.96
N VAL C 71 16.76 7.84 10.86
CA VAL C 71 17.46 6.67 10.30
C VAL C 71 18.46 6.14 11.33
N GLU C 72 19.22 7.04 11.93
CA GLU C 72 20.25 6.68 12.93
C GLU C 72 19.62 5.99 14.15
N LEU C 73 18.55 6.57 14.67
CA LEU C 73 17.80 5.99 15.80
C LEU C 73 17.32 4.58 15.50
N MET C 74 16.70 4.41 14.33
CA MET C 74 16.09 3.14 13.94
C MET C 74 17.13 2.05 13.73
N ARG C 75 18.26 2.40 13.11
CA ARG C 75 19.35 1.45 12.95
C ARG C 75 19.89 1.03 14.32
N ASP C 76 20.16 2.01 15.18
CA ASP C 76 20.66 1.75 16.53
C ASP C 76 19.72 0.85 17.34
N VAL C 77 18.42 1.14 17.29
CA VAL C 77 17.42 0.32 17.99
C VAL C 77 17.35 -1.10 17.42
N SER C 78 17.47 -1.23 16.11
CA SER C 78 17.44 -2.54 15.45
C SER C 78 18.65 -3.41 15.81
N LYS C 79 19.74 -2.77 16.23
CA LYS C 79 20.97 -3.50 16.57
C LYS C 79 21.06 -3.87 18.05
N GLU C 80 20.06 -3.45 18.83
CA GLU C 80 19.97 -3.85 20.23
C GLU C 80 19.61 -5.32 20.38
N ASP C 81 19.88 -5.87 21.56
CA ASP C 81 19.48 -7.24 21.87
C ASP C 81 18.02 -7.25 22.34
N HIS C 82 17.16 -7.83 21.52
CA HIS C 82 15.72 -7.89 21.81
C HIS C 82 15.29 -9.28 22.30
N SER C 83 16.26 -10.14 22.58
CA SER C 83 15.98 -11.55 22.87
C SER C 83 15.01 -11.77 24.04
N LYS C 84 15.01 -10.84 24.99
CA LYS C 84 14.14 -10.94 26.18
C LYS C 84 12.89 -10.06 26.07
N ARG C 85 12.60 -9.59 24.85
CA ARG C 85 11.41 -8.77 24.58
C ARG C 85 10.43 -9.54 23.69
N SER C 86 9.14 -9.41 23.98
CA SER C 86 8.10 -10.16 23.26
C SER C 86 7.80 -9.57 21.89
N SER C 87 7.98 -8.26 21.76
CA SER C 87 7.55 -7.54 20.57
C SER C 87 8.32 -6.24 20.41
N PHE C 88 8.00 -5.51 19.35
CA PHE C 88 8.57 -4.19 19.13
C PHE C 88 7.49 -3.24 18.62
N VAL C 89 7.47 -2.03 19.17
CA VAL C 89 6.53 -0.99 18.74
C VAL C 89 7.27 0.28 18.37
N CYS C 90 6.97 0.79 17.18
CA CYS C 90 7.44 2.10 16.75
C CYS C 90 6.25 2.95 16.34
N VAL C 91 6.13 4.13 16.94
CA VAL C 91 5.08 5.09 16.60
C VAL C 91 5.68 6.30 15.91
N LEU C 92 5.18 6.59 14.72
CA LEU C 92 5.66 7.72 13.94
C LEU C 92 4.60 8.81 13.86
N LEU C 93 4.95 10.00 14.36
CA LEU C 93 4.05 11.15 14.39
C LEU C 93 4.72 12.29 13.64
N SER C 94 4.28 12.52 12.40
CA SER C 94 4.88 13.54 11.57
C SER C 94 4.02 13.85 10.37
N HIS C 95 4.50 14.76 9.53
CA HIS C 95 3.96 14.93 8.19
C HIS C 95 4.35 13.71 7.37
N GLY C 96 3.63 13.49 6.27
CA GLY C 96 3.93 12.38 5.40
C GLY C 96 3.46 12.54 3.97
N GLU C 97 3.90 11.60 3.15
CA GLU C 97 3.37 11.37 1.80
C GLU C 97 3.27 9.85 1.69
N GLU C 98 2.70 9.35 0.60
CA GLU C 98 2.62 7.90 0.40
C GLU C 98 4.02 7.29 0.46
N GLY C 99 4.21 6.39 1.42
CA GLY C 99 5.49 5.68 1.58
C GLY C 99 6.57 6.49 2.29
N ILE C 100 6.20 7.66 2.79
CA ILE C 100 7.17 8.62 3.33
C ILE C 100 6.75 9.19 4.68
N ILE C 101 7.70 9.28 5.59
CA ILE C 101 7.53 10.04 6.82
C ILE C 101 8.56 11.17 6.84
N PHE C 102 8.18 12.34 7.32
CA PHE C 102 9.09 13.47 7.32
C PHE C 102 9.89 13.61 8.61
N GLY C 103 11.20 13.72 8.45
CA GLY C 103 12.04 14.31 9.47
C GLY C 103 11.75 15.81 9.46
N THR C 104 12.29 16.51 10.46
CA THR C 104 12.11 17.96 10.56
C THR C 104 12.65 18.72 9.33
N ASN C 105 13.60 18.10 8.63
CA ASN C 105 14.33 18.75 7.54
C ASN C 105 14.12 18.07 6.17
N GLY C 106 13.23 17.08 6.11
CA GLY C 106 12.97 16.38 4.85
C GLY C 106 12.51 14.94 4.98
N PRO C 107 12.23 14.29 3.84
CA PRO C 107 11.55 12.99 3.79
C PRO C 107 12.44 11.78 4.09
N VAL C 108 11.85 10.77 4.73
CA VAL C 108 12.46 9.46 4.92
C VAL C 108 11.54 8.40 4.30
N ASP C 109 12.11 7.49 3.50
CA ASP C 109 11.38 6.32 3.04
C ASP C 109 11.02 5.45 4.23
N LEU C 110 9.73 5.15 4.37
CA LEU C 110 9.25 4.26 5.43
C LEU C 110 9.87 2.87 5.35
N LYS C 111 10.06 2.40 4.12
CA LYS C 111 10.68 1.10 3.86
C LYS C 111 12.10 1.03 4.43
N LYS C 112 12.83 2.14 4.35
CA LYS C 112 14.20 2.21 4.90
C LYS C 112 14.19 2.02 6.41
N ILE C 113 13.22 2.62 7.08
CA ILE C 113 13.03 2.47 8.52
C ILE C 113 12.72 1.02 8.90
N THR C 114 11.70 0.45 8.25
CA THR C 114 11.18 -0.86 8.60
C THR C 114 12.13 -2.00 8.21
N ASN C 115 12.92 -1.79 7.16
CA ASN C 115 13.90 -2.79 6.70
C ASN C 115 14.89 -3.19 7.77
N PHE C 116 15.24 -2.25 8.65
CA PHE C 116 16.16 -2.53 9.75
C PHE C 116 15.68 -3.67 10.65
N PHE C 117 14.37 -3.91 10.63
CA PHE C 117 13.74 -4.89 11.52
C PHE C 117 13.32 -6.18 10.81
N ARG C 118 13.65 -6.30 9.53
CA ARG C 118 13.38 -7.51 8.74
C ARG C 118 13.87 -8.75 9.49
N GLY C 119 13.16 -9.87 9.32
CA GLY C 119 13.51 -11.14 9.97
C GLY C 119 14.98 -11.52 9.91
N ASP C 120 15.64 -11.15 8.82
CA ASP C 120 17.06 -11.49 8.63
C ASP C 120 18.04 -10.42 9.12
N ARG C 121 17.53 -9.22 9.41
CA ARG C 121 18.40 -8.10 9.82
C ARG C 121 18.35 -7.81 11.31
N CYS C 122 17.26 -8.19 11.95
CA CYS C 122 17.13 -8.07 13.40
C CYS C 122 16.72 -9.43 13.95
N ARG C 123 17.72 -10.27 14.21
CA ARG C 123 17.51 -11.67 14.56
C ARG C 123 16.80 -11.90 15.88
N SER C 124 17.01 -11.00 16.85
CA SER C 124 16.35 -11.12 18.16
C SER C 124 14.88 -10.69 18.13
N LEU C 125 14.40 -10.27 16.96
CA LEU C 125 12.97 -9.99 16.75
C LEU C 125 12.30 -10.93 15.73
N THR C 126 13.08 -11.87 15.20
CA THR C 126 12.55 -12.88 14.26
C THR C 126 11.44 -13.68 14.93
N GLY C 127 10.30 -13.81 14.23
CA GLY C 127 9.15 -14.54 14.75
C GLY C 127 8.37 -13.76 15.80
N LYS C 128 8.78 -12.51 16.02
CA LYS C 128 8.12 -11.64 16.99
C LYS C 128 7.36 -10.53 16.27
N PRO C 129 6.21 -10.11 16.82
CA PRO C 129 5.42 -9.05 16.20
C PRO C 129 6.14 -7.71 16.22
N LYS C 130 6.26 -7.10 15.05
CA LYS C 130 6.89 -5.81 14.88
C LYS C 130 5.83 -4.82 14.43
N LEU C 131 5.47 -3.91 15.32
CA LEU C 131 4.31 -3.04 15.11
C LEU C 131 4.72 -1.61 14.80
N PHE C 132 4.31 -1.14 13.63
CA PHE C 132 4.55 0.23 13.23
C PHE C 132 3.24 0.98 13.17
N ILE C 133 3.14 2.03 13.97
CA ILE C 133 1.93 2.84 14.06
C ILE C 133 2.25 4.18 13.43
N ILE C 134 1.56 4.49 12.33
CA ILE C 134 1.96 5.59 11.47
C ILE C 134 0.89 6.68 11.38
N GLN C 135 1.09 7.73 12.17
CA GLN C 135 0.26 8.93 12.12
C GLN C 135 0.92 9.97 11.23
N ALA C 136 0.56 9.95 9.95
CA ALA C 136 1.13 10.84 8.93
C ALA C 136 0.29 10.78 7.68
N ARG C 138 -0.72 10.41 3.75
CA ARG C 138 -0.33 9.50 2.71
C ARG C 138 -0.64 10.14 1.37
N GLY C 139 -0.72 11.47 1.39
CA GLY C 139 -1.15 12.27 0.25
C GLY C 139 -2.09 13.38 0.70
N THR C 140 -2.69 14.08 -0.25
CA THR C 140 -3.55 15.23 0.07
C THR C 140 -5.03 15.02 -0.24
N GLU C 141 -5.39 13.80 -0.64
CA GLU C 141 -6.80 13.49 -0.92
C GLU C 141 -7.66 13.66 0.32
N LEU C 142 -8.85 14.18 0.11
CA LEU C 142 -9.82 14.34 1.18
C LEU C 142 -11.02 13.46 0.90
N ASP C 143 -11.46 12.74 1.93
CA ASP C 143 -12.63 11.86 1.84
C ASP C 143 -13.89 12.66 2.15
N CYS C 144 -14.73 12.87 1.13
CA CYS C 144 -15.95 13.66 1.28
C CYS C 144 -17.01 12.94 2.14
N GLY C 145 -16.87 11.63 2.27
CA GLY C 145 -17.79 10.82 3.05
C GLY C 145 -19.13 10.61 2.36
N ILE C 146 -19.98 9.83 3.01
CA ILE C 146 -21.33 9.56 2.54
C ILE C 146 -22.24 9.37 3.75
N GLU C 147 -23.46 9.91 3.65
CA GLU C 147 -24.46 9.90 4.73
C GLU C 147 -24.85 8.48 5.12
N THR C 148 -25.00 8.25 6.42
CA THR C 148 -25.24 6.92 6.98
C THR C 148 -26.44 6.87 7.91
N HIS D 10 13.41 -25.19 7.86
CA HIS D 10 12.15 -24.39 7.80
C HIS D 10 12.42 -22.90 7.99
N LYS D 11 11.93 -22.10 7.05
CA LYS D 11 12.15 -20.66 7.08
C LYS D 11 10.83 -19.91 7.18
N ILE D 12 10.92 -18.65 7.61
CA ILE D 12 9.82 -17.71 7.46
C ILE D 12 10.27 -16.55 6.56
N PRO D 13 9.31 -15.85 5.92
CA PRO D 13 9.63 -14.68 5.11
C PRO D 13 10.24 -13.56 5.96
N VAL D 14 11.16 -12.81 5.37
CA VAL D 14 11.79 -11.68 6.07
C VAL D 14 10.77 -10.55 6.31
N GLU D 15 9.70 -10.56 5.53
CA GLU D 15 8.64 -9.55 5.65
C GLU D 15 7.53 -9.98 6.60
N ALA D 16 7.61 -11.20 7.12
CA ALA D 16 6.60 -11.72 8.03
C ALA D 16 6.67 -11.05 9.41
N ASP D 17 5.52 -11.03 10.08
CA ASP D 17 5.38 -10.56 11.48
C ASP D 17 5.52 -9.05 11.65
N PHE D 18 5.25 -8.32 10.57
CA PHE D 18 5.13 -6.86 10.63
C PHE D 18 3.65 -6.48 10.62
N LEU D 19 3.31 -5.46 11.40
CA LEU D 19 2.02 -4.82 11.27
C LEU D 19 2.22 -3.33 11.11
N TYR D 20 1.56 -2.78 10.09
CA TYR D 20 1.60 -1.35 9.85
C TYR D 20 0.21 -0.77 10.05
N ALA D 21 0.03 -0.09 11.18
CA ALA D 21 -1.25 0.53 11.50
C ALA D 21 -1.22 1.98 11.04
N TYR D 22 -1.70 2.20 9.82
CA TYR D 22 -1.74 3.54 9.26
C TYR D 22 -2.95 4.29 9.76
N SER D 23 -2.78 5.60 9.95
CA SER D 23 -3.85 6.47 10.42
C SER D 23 -4.91 6.73 9.36
N THR D 24 -4.55 6.50 8.10
CA THR D 24 -5.38 6.87 6.97
C THR D 24 -5.15 5.96 5.76
N ALA D 25 -6.11 5.95 4.84
CA ALA D 25 -6.03 5.16 3.60
C ALA D 25 -4.93 5.72 2.68
N PRO D 26 -4.40 4.89 1.77
CA PRO D 26 -3.38 5.35 0.84
C PRO D 26 -3.86 6.52 -0.02
N GLY D 27 -3.00 7.52 -0.20
CA GLY D 27 -3.37 8.70 -0.97
C GLY D 27 -3.97 9.85 -0.16
N TYR D 28 -4.36 9.57 1.08
CA TYR D 28 -5.20 10.50 1.83
C TYR D 28 -4.49 11.30 2.91
N TYR D 29 -5.04 12.47 3.19
CA TYR D 29 -4.59 13.31 4.30
C TYR D 29 -4.97 12.64 5.64
N SER D 30 -4.26 13.00 6.70
CA SER D 30 -4.52 12.47 8.04
C SER D 30 -4.81 13.61 9.00
N TRP D 31 -6.02 13.62 9.55
CA TRP D 31 -6.53 14.75 10.31
C TRP D 31 -6.05 14.78 11.76
N ARG D 32 -5.87 15.99 12.26
CA ARG D 32 -5.43 16.23 13.64
C ARG D 32 -6.26 17.34 14.27
N ASN D 33 -6.38 17.29 15.59
CA ASN D 33 -6.98 18.36 16.38
C ASN D 33 -5.87 18.98 17.23
N SER D 34 -5.75 20.31 17.17
CA SER D 34 -4.68 21.02 17.88
C SER D 34 -4.74 20.81 19.40
N LYS D 35 -5.93 20.55 19.92
CA LYS D 35 -6.13 20.42 21.36
C LYS D 35 -6.11 18.98 21.84
N ASP D 36 -6.76 18.09 21.08
CA ASP D 36 -6.94 16.70 21.49
C ASP D 36 -5.94 15.74 20.84
N GLY D 37 -5.29 16.20 19.77
CA GLY D 37 -4.35 15.37 19.02
C GLY D 37 -4.98 14.82 17.75
N SER D 38 -4.30 13.85 17.14
CA SER D 38 -4.81 13.26 15.91
C SER D 38 -5.98 12.34 16.19
N TRP D 39 -6.90 12.28 15.23
CA TRP D 39 -8.08 11.42 15.32
C TRP D 39 -7.68 9.97 15.58
N PHE D 40 -6.65 9.51 14.88
CA PHE D 40 -6.23 8.10 14.94
C PHE D 40 -5.60 7.72 16.27
N ILE D 41 -4.64 8.51 16.74
CA ILE D 41 -3.97 8.23 18.02
C ILE D 41 -4.93 8.38 19.22
N GLN D 42 -5.80 9.38 19.18
CA GLN D 42 -6.86 9.51 20.18
C GLN D 42 -7.64 8.21 20.30
N SER D 43 -8.07 7.71 19.15
CA SER D 43 -8.93 6.53 19.06
C SER D 43 -8.17 5.27 19.43
N LEU D 44 -6.94 5.15 18.93
CA LEU D 44 -6.08 4.03 19.23
C LEU D 44 -5.84 3.89 20.73
N CYS D 45 -5.46 4.99 21.38
CA CYS D 45 -5.22 5.01 22.82
C CYS D 45 -6.49 4.64 23.61
N ALA D 46 -7.61 5.27 23.27
CA ALA D 46 -8.90 4.95 23.90
C ALA D 46 -9.25 3.47 23.76
N MET D 47 -9.11 2.93 22.55
CA MET D 47 -9.45 1.52 22.30
C MET D 47 -8.51 0.55 22.98
N LEU D 48 -7.22 0.90 23.04
CA LEU D 48 -6.25 0.10 23.77
C LEU D 48 -6.53 0.10 25.27
N LYS D 49 -6.87 1.27 25.82
CA LYS D 49 -7.24 1.38 27.24
C LYS D 49 -8.45 0.51 27.56
N GLN D 50 -9.45 0.57 26.69
CA GLN D 50 -10.71 -0.15 26.90
C GLN D 50 -10.62 -1.66 26.61
N TYR D 51 -9.87 -2.04 25.57
CA TYR D 51 -9.96 -3.41 25.04
C TYR D 51 -8.70 -4.28 25.09
N ALA D 52 -7.58 -3.72 25.54
CA ALA D 52 -6.30 -4.45 25.56
C ALA D 52 -6.36 -5.75 26.38
N ASP D 53 -7.20 -5.77 27.40
CA ASP D 53 -7.38 -6.96 28.23
C ASP D 53 -8.54 -7.85 27.76
N LYS D 54 -9.19 -7.46 26.65
CA LYS D 54 -10.42 -8.10 26.20
C LYS D 54 -10.36 -8.67 24.78
N LEU D 55 -9.62 -8.01 23.90
CA LEU D 55 -9.66 -8.32 22.48
C LEU D 55 -8.29 -8.59 21.85
N GLU D 56 -8.29 -9.39 20.78
CA GLU D 56 -7.15 -9.54 19.90
C GLU D 56 -6.88 -8.19 19.18
N PHE D 57 -5.61 -7.94 18.87
CA PHE D 57 -5.17 -6.64 18.38
C PHE D 57 -5.83 -6.18 17.08
N MET D 58 -6.06 -7.09 16.13
CA MET D 58 -6.77 -6.73 14.89
C MET D 58 -8.17 -6.25 15.17
N HIS D 59 -8.83 -6.89 16.15
CA HIS D 59 -10.17 -6.50 16.57
C HIS D 59 -10.17 -5.16 17.33
N ILE D 60 -9.09 -4.88 18.06
CA ILE D 60 -8.90 -3.56 18.66
C ILE D 60 -8.75 -2.51 17.55
N LEU D 61 -7.94 -2.81 16.55
CA LEU D 61 -7.71 -1.87 15.44
C LEU D 61 -8.93 -1.66 14.55
N THR D 62 -9.80 -2.66 14.50
CA THR D 62 -11.08 -2.54 13.78
C THR D 62 -12.04 -1.58 14.54
N ARG D 63 -12.07 -1.66 15.87
CA ARG D 63 -12.81 -0.68 16.68
C ARG D 63 -12.27 0.73 16.46
N VAL D 64 -10.94 0.83 16.33
CA VAL D 64 -10.30 2.11 16.02
C VAL D 64 -10.78 2.61 14.66
N ASN D 65 -10.81 1.73 13.67
CA ASN D 65 -11.32 2.05 12.34
C ASN D 65 -12.74 2.63 12.43
N ARG D 66 -13.60 1.96 13.19
CA ARG D 66 -14.99 2.39 13.36
C ARG D 66 -15.07 3.74 14.08
N LYS D 67 -14.30 3.89 15.14
CA LYS D 67 -14.32 5.12 15.95
C LYS D 67 -13.91 6.32 15.12
N VAL D 68 -12.81 6.19 14.39
CA VAL D 68 -12.35 7.26 13.49
C VAL D 68 -13.36 7.53 12.37
N ALA D 69 -13.87 6.47 11.76
CA ALA D 69 -14.83 6.56 10.67
C ALA D 69 -16.14 7.24 11.05
N THR D 70 -16.61 7.01 12.27
CA THR D 70 -17.95 7.44 12.68
C THR D 70 -17.98 8.66 13.59
N GLU D 71 -17.00 8.81 14.47
CA GLU D 71 -17.06 9.85 15.51
C GLU D 71 -16.35 11.16 15.16
N PHE D 72 -15.64 11.17 14.04
CA PHE D 72 -14.85 12.34 13.65
C PHE D 72 -15.25 12.88 12.30
N GLU D 73 -15.30 14.21 12.21
CA GLU D 73 -15.52 14.89 10.94
C GLU D 73 -14.80 16.23 11.01
N SER D 74 -14.18 16.64 9.91
CA SER D 74 -13.38 17.86 9.93
C SER D 74 -14.26 19.11 10.02
N PHE D 75 -13.73 20.12 10.70
CA PHE D 75 -14.30 21.45 10.68
C PHE D 75 -13.27 22.38 10.06
N SER D 76 -13.71 23.14 9.04
CA SER D 76 -12.88 24.18 8.46
C SER D 76 -13.70 25.38 8.04
N PHE D 77 -13.09 26.56 8.20
CA PHE D 77 -13.68 27.81 7.74
C PHE D 77 -13.59 27.95 6.22
N ASP D 78 -12.80 27.08 5.61
CA ASP D 78 -12.69 26.97 4.16
C ASP D 78 -13.47 25.73 3.74
N ALA D 79 -14.52 25.93 2.94
CA ALA D 79 -15.42 24.84 2.50
C ALA D 79 -14.68 23.69 1.82
N THR D 80 -13.56 23.99 1.18
CA THR D 80 -12.70 22.98 0.55
C THR D 80 -12.27 21.89 1.53
N PHE D 81 -12.07 22.25 2.80
CA PHE D 81 -11.54 21.32 3.80
C PHE D 81 -12.57 20.94 4.86
N HIS D 82 -13.82 21.33 4.66
CA HIS D 82 -14.86 21.16 5.68
C HIS D 82 -15.62 19.85 5.52
N ALA D 83 -16.03 19.27 6.66
CA ALA D 83 -16.87 18.08 6.72
C ALA D 83 -16.23 16.82 6.08
N LYS D 84 -14.91 16.74 6.17
CA LYS D 84 -14.18 15.61 5.58
C LYS D 84 -14.07 14.46 6.58
N LYS D 85 -13.81 13.27 6.04
CA LYS D 85 -13.86 12.02 6.80
C LYS D 85 -12.55 11.26 6.69
N GLN D 86 -12.40 10.24 7.53
CA GLN D 86 -11.16 9.47 7.57
C GLN D 86 -11.38 8.02 7.95
N ILE D 87 -10.80 7.12 7.17
CA ILE D 87 -10.69 5.73 7.55
C ILE D 87 -9.21 5.37 7.73
N PRO D 88 -8.86 4.72 8.86
CA PRO D 88 -7.48 4.22 8.95
C PRO D 88 -7.29 2.95 8.14
N CYS D 89 -6.09 2.41 8.15
CA CYS D 89 -5.71 1.36 7.23
C CYS D 89 -4.77 0.38 7.92
N ILE D 90 -5.31 -0.77 8.29
CA ILE D 90 -4.54 -1.83 8.97
C ILE D 90 -3.85 -2.69 7.92
N VAL D 91 -2.52 -2.72 7.96
CA VAL D 91 -1.76 -3.56 7.02
C VAL D 91 -1.01 -4.64 7.81
N SER D 92 -1.49 -5.88 7.69
CA SER D 92 -0.98 -6.96 8.52
C SER D 92 -0.24 -8.03 7.73
N MET D 93 1.02 -8.24 8.11
CA MET D 93 1.80 -9.40 7.67
C MET D 93 2.10 -10.27 8.88
N LEU D 94 1.26 -10.15 9.90
CA LEU D 94 1.35 -10.99 11.10
C LEU D 94 0.91 -12.41 10.78
N THR D 95 1.51 -13.37 11.45
CA THR D 95 1.22 -14.78 11.22
C THR D 95 0.45 -15.38 12.39
N LYS D 96 0.27 -14.59 13.44
CA LYS D 96 -0.40 -15.05 14.65
C LYS D 96 -1.30 -13.97 15.23
N GLU D 97 -2.22 -14.39 16.09
CA GLU D 97 -3.05 -13.45 16.84
C GLU D 97 -2.22 -12.82 17.95
N LEU D 98 -2.48 -11.55 18.23
CA LEU D 98 -1.72 -10.81 19.22
C LEU D 98 -2.60 -10.34 20.37
N TYR D 99 -2.34 -10.86 21.57
CA TYR D 99 -3.04 -10.46 22.77
C TYR D 99 -2.05 -9.81 23.74
N PHE D 100 -2.41 -8.62 24.24
CA PHE D 100 -1.54 -7.93 25.19
C PHE D 100 -1.63 -8.49 26.62
N TYR D 101 -2.64 -9.33 26.88
CA TYR D 101 -2.79 -9.98 28.19
C TYR D 101 -2.23 -11.41 28.21
N HIS D 102 -1.65 -11.84 27.09
CA HIS D 102 -1.04 -13.17 26.95
C HIS D 102 0.12 -13.38 27.94
N ASP E 13 7.41 -37.70 -12.02
CA ASP E 13 7.16 -36.85 -13.22
C ASP E 13 8.40 -36.72 -14.09
N LEU E 14 8.25 -37.10 -15.36
CA LEU E 14 9.34 -37.04 -16.34
C LEU E 14 9.84 -35.62 -16.60
N GLY E 15 8.93 -34.65 -16.52
CA GLY E 15 9.26 -33.24 -16.74
C GLY E 15 10.26 -32.68 -15.74
N LYS E 16 10.15 -33.13 -14.48
CA LYS E 16 11.10 -32.76 -13.43
C LYS E 16 12.48 -33.35 -13.71
N LYS E 17 12.51 -34.62 -14.12
CA LYS E 17 13.76 -35.32 -14.43
C LYS E 17 14.47 -34.72 -15.64
N LEU E 18 13.70 -34.24 -16.61
CA LEU E 18 14.26 -33.55 -17.77
C LEU E 18 14.98 -32.27 -17.37
N LEU E 19 14.29 -31.44 -16.58
CA LEU E 19 14.88 -30.22 -16.03
C LEU E 19 16.15 -30.56 -15.26
N GLU E 20 16.08 -31.62 -14.46
CA GLU E 20 17.21 -32.11 -13.67
C GLU E 20 18.38 -32.56 -14.56
N ALA E 21 18.09 -33.36 -15.58
CA ALA E 21 19.12 -33.86 -16.50
C ALA E 21 19.74 -32.73 -17.32
N THR E 22 18.90 -31.81 -17.78
CA THR E 22 19.34 -30.65 -18.56
C THR E 22 20.33 -29.79 -17.76
N ARG E 23 20.00 -29.54 -16.50
CA ARG E 23 20.86 -28.73 -15.63
C ARG E 23 22.21 -29.40 -15.41
N ALA E 24 22.21 -30.72 -15.22
CA ALA E 24 23.42 -31.49 -14.97
C ALA E 24 24.23 -31.73 -16.24
N GLY E 25 23.65 -31.42 -17.40
CA GLY E 25 24.32 -31.58 -18.68
C GLY E 25 24.38 -33.00 -19.18
N GLN E 26 23.42 -33.83 -18.76
CA GLN E 26 23.38 -35.23 -19.15
C GLN E 26 22.68 -35.37 -20.50
N ASP E 27 23.43 -35.14 -21.58
CA ASP E 27 22.87 -35.18 -22.93
CA ASP E 27 22.91 -35.19 -22.94
C ASP E 27 22.15 -36.49 -23.24
N ASP E 28 22.70 -37.61 -22.80
CA ASP E 28 22.09 -38.94 -23.04
C ASP E 28 20.79 -39.11 -22.28
N GLU E 29 20.80 -38.76 -20.99
CA GLU E 29 19.61 -38.83 -20.16
C GLU E 29 18.51 -37.91 -20.65
N VAL E 30 18.90 -36.74 -21.17
CA VAL E 30 17.97 -35.81 -21.82
C VAL E 30 17.25 -36.50 -22.99
N ARG E 31 18.02 -37.17 -23.85
CA ARG E 31 17.46 -37.87 -25.01
C ARG E 31 16.55 -39.04 -24.65
N ILE E 32 16.94 -39.81 -23.63
CA ILE E 32 16.14 -40.94 -23.14
C ILE E 32 14.80 -40.46 -22.57
N LEU E 33 14.84 -39.39 -21.77
CA LEU E 33 13.64 -38.83 -21.16
C LEU E 33 12.65 -38.31 -22.20
N MET E 34 13.15 -37.64 -23.23
CA MET E 34 12.32 -37.12 -24.31
C MET E 34 11.67 -38.25 -25.13
N ALA E 35 12.41 -39.34 -25.33
CA ALA E 35 11.91 -40.52 -26.01
C ALA E 35 10.76 -41.17 -25.24
N ASN E 36 10.77 -41.03 -23.92
CA ASN E 36 9.69 -41.51 -23.07
C ASN E 36 8.54 -40.51 -22.92
N GLY E 37 8.59 -39.45 -23.70
CA GLY E 37 7.51 -38.46 -23.77
C GLY E 37 7.59 -37.32 -22.76
N ALA E 38 8.80 -37.00 -22.32
CA ALA E 38 9.01 -35.88 -21.39
C ALA E 38 8.71 -34.56 -22.06
N ASP E 39 7.93 -33.72 -21.38
CA ASP E 39 7.57 -32.41 -21.89
C ASP E 39 8.82 -31.55 -22.07
N VAL E 40 9.09 -31.18 -23.33
CA VAL E 40 10.24 -30.35 -23.67
C VAL E 40 10.10 -28.94 -23.10
N ASN E 41 8.86 -28.52 -22.87
CA ASN E 41 8.56 -27.21 -22.30
C ASN E 41 8.12 -27.28 -20.84
N ALA E 42 8.63 -28.28 -20.12
CA ALA E 42 8.38 -28.43 -18.69
C ALA E 42 8.91 -27.22 -17.93
N MET E 43 8.23 -26.86 -16.85
CA MET E 43 8.58 -25.66 -16.08
C MET E 43 8.65 -25.96 -14.59
N ASP E 44 9.55 -25.27 -13.90
CA ASP E 44 9.45 -25.17 -12.45
C ASP E 44 8.57 -23.96 -12.14
N ASP E 45 8.29 -23.74 -10.86
CA ASP E 45 7.37 -22.68 -10.44
C ASP E 45 7.89 -21.26 -10.71
N ALA E 46 9.15 -21.15 -11.11
CA ALA E 46 9.72 -19.87 -11.52
C ALA E 46 9.72 -19.71 -13.03
N GLY E 47 9.07 -20.64 -13.73
CA GLY E 47 8.97 -20.60 -15.18
C GLY E 47 10.25 -20.98 -15.90
N VAL E 48 11.18 -21.59 -15.17
CA VAL E 48 12.45 -22.01 -15.75
C VAL E 48 12.27 -23.31 -16.51
N THR E 49 12.62 -23.28 -17.80
CA THR E 49 12.46 -24.43 -18.69
C THR E 49 13.82 -25.11 -18.94
N PRO E 50 13.82 -26.32 -19.52
CA PRO E 50 15.10 -26.93 -19.87
C PRO E 50 15.95 -26.06 -20.79
N LEU E 51 15.30 -25.33 -21.71
CA LEU E 51 16.04 -24.43 -22.61
C LEU E 51 16.74 -23.31 -21.85
N HIS E 52 16.09 -22.76 -20.82
CA HIS E 52 16.70 -21.76 -19.93
C HIS E 52 17.96 -22.33 -19.29
N LEU E 53 17.84 -23.54 -18.75
CA LEU E 53 18.94 -24.20 -18.04
C LEU E 53 20.11 -24.52 -18.97
N ALA E 54 19.79 -25.07 -20.14
CA ALA E 54 20.81 -25.47 -21.11
C ALA E 54 21.57 -24.26 -21.64
N ALA E 55 20.85 -23.16 -21.84
CA ALA E 55 21.45 -21.91 -22.30
C ALA E 55 22.36 -21.31 -21.24
N LYS E 56 21.90 -21.31 -19.99
CA LYS E 56 22.68 -20.75 -18.87
C LYS E 56 23.93 -21.58 -18.56
N ARG E 57 23.77 -22.90 -18.51
CA ARG E 57 24.87 -23.80 -18.14
C ARG E 57 25.80 -24.11 -19.31
N GLY E 58 25.47 -23.57 -20.49
CA GLY E 58 26.32 -23.68 -21.68
C GLY E 58 26.29 -25.02 -22.38
N HIS E 59 25.21 -25.78 -22.21
CA HIS E 59 25.08 -27.09 -22.83
C HIS E 59 24.52 -26.99 -24.26
N LEU E 60 25.42 -26.75 -25.21
CA LEU E 60 25.07 -26.45 -26.61
C LEU E 60 24.23 -27.53 -27.29
N GLU E 61 24.70 -28.77 -27.25
CA GLU E 61 24.00 -29.86 -27.92
C GLU E 61 22.61 -30.14 -27.33
N ILE E 62 22.48 -29.94 -26.03
CA ILE E 62 21.18 -30.05 -25.35
C ILE E 62 20.24 -28.92 -25.80
N VAL E 63 20.76 -27.71 -25.91
CA VAL E 63 20.00 -26.58 -26.48
C VAL E 63 19.44 -26.96 -27.85
N GLU E 64 20.27 -27.57 -28.68
CA GLU E 64 19.89 -27.96 -30.04
C GLU E 64 18.84 -29.06 -30.10
N VAL E 65 18.94 -30.05 -29.20
CA VAL E 65 17.97 -31.15 -29.18
C VAL E 65 16.62 -30.72 -28.59
N LEU E 66 16.64 -29.77 -27.65
CA LEU E 66 15.40 -29.24 -27.09
C LEU E 66 14.64 -28.42 -28.13
N LEU E 67 15.35 -27.56 -28.85
CA LEU E 67 14.77 -26.73 -29.89
C LEU E 67 14.24 -27.55 -31.08
N LYS E 68 14.96 -28.63 -31.41
CA LYS E 68 14.55 -29.55 -32.48
C LYS E 68 13.19 -30.19 -32.16
N HIS E 69 12.95 -30.45 -30.88
CA HIS E 69 11.73 -31.10 -30.44
C HIS E 69 10.67 -30.11 -29.94
N GLY E 70 10.81 -28.85 -30.35
CA GLY E 70 9.78 -27.84 -30.12
C GLY E 70 9.84 -27.08 -28.80
N ALA E 71 11.03 -26.92 -28.24
CA ALA E 71 11.19 -26.09 -27.04
C ALA E 71 10.85 -24.63 -27.36
N ASP E 72 10.11 -24.01 -26.44
CA ASP E 72 9.69 -22.61 -26.59
C ASP E 72 10.91 -21.70 -26.50
N VAL E 73 11.34 -21.21 -27.66
CA VAL E 73 12.54 -20.37 -27.77
C VAL E 73 12.39 -19.06 -27.00
N ASN E 74 11.15 -18.60 -26.85
CA ASN E 74 10.86 -17.36 -26.15
C ASN E 74 10.10 -17.54 -24.84
N ALA E 75 10.41 -18.63 -24.13
CA ALA E 75 9.85 -18.85 -22.80
C ALA E 75 10.44 -17.82 -21.84
N ARG E 76 9.62 -17.37 -20.89
CA ARG E 76 10.04 -16.36 -19.93
C ARG E 76 10.01 -16.94 -18.52
N ASP E 77 11.06 -16.67 -17.74
CA ASP E 77 11.02 -16.95 -16.30
C ASP E 77 10.28 -15.83 -15.58
N ILE E 78 10.16 -15.91 -14.25
CA ILE E 78 9.39 -14.93 -13.48
C ILE E 78 10.00 -13.53 -13.46
N TRP E 79 11.24 -13.41 -13.94
CA TRP E 79 11.86 -12.11 -14.15
C TRP E 79 11.85 -11.70 -15.63
N GLY E 80 11.04 -12.41 -16.42
CA GLY E 80 10.83 -12.09 -17.83
C GLY E 80 11.99 -12.41 -18.74
N ARG E 81 12.93 -13.21 -18.24
CA ARG E 81 14.13 -13.54 -19.01
C ARG E 81 13.90 -14.74 -19.91
N THR E 82 14.38 -14.64 -21.13
CA THR E 82 14.33 -15.71 -22.12
C THR E 82 15.67 -16.46 -22.10
N PRO E 83 15.71 -17.67 -22.72
CA PRO E 83 16.99 -18.36 -22.90
C PRO E 83 18.04 -17.49 -23.59
N LEU E 84 17.60 -16.62 -24.50
CA LEU E 84 18.51 -15.70 -25.18
C LEU E 84 19.18 -14.74 -24.20
N HIS E 85 18.43 -14.26 -23.21
CA HIS E 85 18.99 -13.43 -22.11
C HIS E 85 20.09 -14.18 -21.36
N LEU E 86 19.78 -15.42 -20.97
CA LEU E 86 20.70 -16.24 -20.17
C LEU E 86 21.95 -16.66 -20.94
N ALA E 87 21.79 -16.97 -22.22
CA ALA E 87 22.91 -17.28 -23.08
C ALA E 87 23.83 -16.07 -23.25
N ALA E 88 23.20 -14.89 -23.33
CA ALA E 88 23.93 -13.62 -23.47
C ALA E 88 24.73 -13.27 -22.21
N THR E 89 24.20 -13.64 -21.05
CA THR E 89 24.85 -13.36 -19.77
C THR E 89 26.19 -14.09 -19.63
N VAL E 90 26.20 -15.37 -20.01
CA VAL E 90 27.43 -16.19 -19.94
C VAL E 90 28.28 -15.99 -21.20
N GLY E 91 27.66 -15.51 -22.27
CA GLY E 91 28.36 -15.19 -23.51
C GLY E 91 28.69 -16.39 -24.37
N HIS E 92 27.70 -17.28 -24.53
CA HIS E 92 27.88 -18.48 -25.34
C HIS E 92 27.43 -18.22 -26.77
N LEU E 93 28.40 -17.95 -27.64
CA LEU E 93 28.14 -17.54 -29.03
C LEU E 93 27.30 -18.54 -29.83
N GLU E 94 27.66 -19.83 -29.74
CA GLU E 94 26.99 -20.88 -30.50
C GLU E 94 25.52 -21.08 -30.08
N ILE E 95 25.27 -21.05 -28.77
CA ILE E 95 23.90 -21.13 -28.25
C ILE E 95 23.07 -19.92 -28.69
N VAL E 96 23.65 -18.73 -28.59
CA VAL E 96 23.00 -17.50 -29.06
C VAL E 96 22.61 -17.64 -30.53
N GLU E 97 23.54 -18.13 -31.36
CA GLU E 97 23.27 -18.32 -32.79
C GLU E 97 22.18 -19.35 -33.06
N VAL E 98 22.24 -20.49 -32.38
CA VAL E 98 21.22 -21.53 -32.52
C VAL E 98 19.83 -21.02 -32.05
N LEU E 99 19.80 -20.30 -30.94
CA LEU E 99 18.57 -19.69 -30.44
C LEU E 99 17.97 -18.70 -31.44
N LEU E 100 18.84 -17.87 -32.03
CA LEU E 100 18.42 -16.91 -33.06
C LEU E 100 17.86 -17.58 -34.32
N GLU E 101 18.49 -18.69 -34.73
CA GLU E 101 18.02 -19.47 -35.87
C GLU E 101 16.61 -20.02 -35.68
N TYR E 102 16.28 -20.40 -34.44
CA TYR E 102 14.95 -20.91 -34.10
C TYR E 102 13.92 -19.81 -33.78
N GLY E 103 14.28 -18.57 -34.09
CA GLY E 103 13.35 -17.45 -33.98
C GLY E 103 13.28 -16.78 -32.62
N ALA E 104 14.40 -16.79 -31.89
CA ALA E 104 14.48 -16.06 -30.63
C ALA E 104 14.34 -14.57 -30.88
N ASP E 105 13.60 -13.90 -30.00
CA ASP E 105 13.29 -12.49 -30.16
C ASP E 105 14.34 -11.61 -29.48
N VAL E 106 15.14 -10.92 -30.30
CA VAL E 106 16.17 -9.99 -29.83
C VAL E 106 15.58 -8.78 -29.10
N ASN E 107 14.33 -8.46 -29.41
CA ASN E 107 13.64 -7.30 -28.84
C ASN E 107 12.93 -7.59 -27.52
N ALA E 108 12.93 -8.86 -27.12
CA ALA E 108 12.28 -9.28 -25.88
C ALA E 108 12.95 -8.63 -24.67
N GLN E 109 12.14 -7.98 -23.85
CA GLN E 109 12.61 -7.32 -22.64
C GLN E 109 12.18 -8.12 -21.41
N ASP E 110 13.11 -8.26 -20.46
CA ASP E 110 12.77 -8.84 -19.16
C ASP E 110 11.93 -7.84 -18.34
N LYS E 111 11.55 -8.20 -17.13
CA LYS E 111 10.73 -7.32 -16.31
C LYS E 111 11.47 -6.06 -15.90
N PHE E 112 12.77 -6.06 -16.13
CA PHE E 112 13.65 -4.94 -15.79
C PHE E 112 13.98 -4.10 -17.03
N GLY E 113 13.31 -4.38 -18.14
CA GLY E 113 13.46 -3.62 -19.37
C GLY E 113 14.75 -3.85 -20.14
N LYS E 114 15.39 -4.98 -19.88
CA LYS E 114 16.66 -5.32 -20.52
C LYS E 114 16.49 -6.33 -21.66
N THR E 115 17.16 -6.06 -22.78
CA THR E 115 17.23 -6.99 -23.91
C THR E 115 18.55 -7.74 -23.89
N ALA E 116 18.66 -8.79 -24.70
CA ALA E 116 19.90 -9.56 -24.83
C ALA E 116 21.06 -8.70 -25.33
N PHE E 117 20.72 -7.72 -26.17
CA PHE E 117 21.68 -6.73 -26.66
C PHE E 117 22.18 -5.87 -25.49
N ASP E 118 21.28 -5.51 -24.57
CA ASP E 118 21.62 -4.69 -23.42
C ASP E 118 22.52 -5.42 -22.42
N ILE E 119 22.37 -6.75 -22.34
CA ILE E 119 23.22 -7.57 -21.47
C ILE E 119 24.63 -7.71 -22.06
N SER E 120 24.71 -7.81 -23.39
CA SER E 120 25.98 -7.92 -24.09
C SER E 120 26.83 -6.65 -23.98
N ILE E 121 26.16 -5.51 -23.87
CA ILE E 121 26.82 -4.21 -23.67
C ILE E 121 27.36 -4.11 -22.24
N ASP E 122 26.56 -4.56 -21.27
CA ASP E 122 26.93 -4.51 -19.86
C ASP E 122 28.03 -5.50 -19.48
N ASN E 123 28.14 -6.58 -20.25
CA ASN E 123 29.18 -7.58 -20.04
C ASN E 123 30.49 -7.28 -20.79
N GLY E 124 30.45 -6.28 -21.67
CA GLY E 124 31.60 -5.89 -22.48
C GLY E 124 31.95 -6.87 -23.57
N ASN E 125 30.94 -7.61 -24.02
CA ASN E 125 31.12 -8.62 -25.08
C ASN E 125 30.88 -8.00 -26.47
N GLU E 126 31.96 -7.66 -27.14
CA GLU E 126 31.90 -7.02 -28.46
C GLU E 126 31.42 -7.98 -29.55
N ASP E 127 31.88 -9.22 -29.48
CA ASP E 127 31.52 -10.26 -30.44
C ASP E 127 30.03 -10.60 -30.39
N LEU E 128 29.44 -10.49 -29.20
CA LEU E 128 28.04 -10.84 -28.98
C LEU E 128 27.07 -9.72 -29.36
N ALA E 129 27.50 -8.48 -29.14
CA ALA E 129 26.67 -7.29 -29.40
C ALA E 129 26.30 -7.13 -30.88
N GLU E 130 27.25 -7.46 -31.76
CA GLU E 130 27.04 -7.36 -33.21
C GLU E 130 26.08 -8.43 -33.73
N ILE E 131 26.08 -9.60 -33.09
CA ILE E 131 25.16 -10.68 -33.45
C ILE E 131 23.79 -10.45 -32.80
N ASP F 13 -12.87 30.67 22.97
CA ASP F 13 -11.55 30.98 22.34
C ASP F 13 -11.68 32.14 21.34
N LEU F 14 -10.83 33.15 21.51
CA LEU F 14 -10.83 34.34 20.66
C LEU F 14 -10.33 34.04 19.24
N GLY F 15 -9.44 33.06 19.11
CA GLY F 15 -8.90 32.65 17.82
C GLY F 15 -9.95 32.12 16.85
N LYS F 16 -10.86 31.28 17.35
CA LYS F 16 -11.96 30.76 16.55
C LYS F 16 -12.92 31.89 16.15
N LYS F 17 -13.17 32.81 17.09
CA LYS F 17 -14.02 33.97 16.82
C LYS F 17 -13.43 34.88 15.75
N LEU F 18 -12.10 35.03 15.76
CA LEU F 18 -11.39 35.83 14.75
C LEU F 18 -11.52 35.21 13.35
N LEU F 19 -11.38 33.89 13.27
CA LEU F 19 -11.57 33.18 12.01
C LEU F 19 -13.01 33.37 11.49
N GLU F 20 -14.00 33.25 12.38
CA GLU F 20 -15.40 33.48 12.01
C GLU F 20 -15.66 34.91 11.54
N ALA F 21 -15.21 35.89 12.32
CA ALA F 21 -15.38 37.31 11.98
C ALA F 21 -14.69 37.68 10.67
N THR F 22 -13.52 37.08 10.43
CA THR F 22 -12.77 37.29 9.19
C THR F 22 -13.52 36.72 7.97
N ARG F 23 -14.02 35.49 8.08
CA ARG F 23 -14.78 34.87 7.00
C ARG F 23 -16.06 35.65 6.69
N ALA F 24 -16.71 36.15 7.73
CA ALA F 24 -17.94 36.92 7.59
C ALA F 24 -17.68 38.36 7.12
N GLY F 25 -16.40 38.76 7.08
CA GLY F 25 -16.01 40.10 6.64
C GLY F 25 -16.36 41.21 7.62
N GLN F 26 -16.31 40.89 8.91
CA GLN F 26 -16.66 41.85 9.96
C GLN F 26 -15.43 42.62 10.44
N ASP F 27 -15.06 43.66 9.69
CA ASP F 27 -13.84 44.42 9.95
CA ASP F 27 -13.85 44.44 9.94
C ASP F 27 -13.77 44.99 11.37
N ASP F 28 -14.87 45.57 11.85
CA ASP F 28 -14.93 46.13 13.21
C ASP F 28 -14.73 45.04 14.26
N GLU F 29 -15.41 43.91 14.10
CA GLU F 29 -15.31 42.81 15.04
C GLU F 29 -13.90 42.20 15.03
N VAL F 30 -13.32 42.06 13.83
CA VAL F 30 -11.91 41.66 13.67
C VAL F 30 -11.00 42.55 14.52
N ARG F 31 -11.18 43.86 14.43
CA ARG F 31 -10.40 44.83 15.21
C ARG F 31 -10.60 44.70 16.71
N ILE F 32 -11.84 44.54 17.15
CA ILE F 32 -12.19 44.35 18.56
C ILE F 32 -11.53 43.10 19.13
N LEU F 33 -11.55 42.03 18.34
CA LEU F 33 -10.95 40.75 18.75
C LEU F 33 -9.43 40.82 18.88
N MET F 34 -8.78 41.47 17.92
CA MET F 34 -7.32 41.64 17.94
C MET F 34 -6.86 42.50 19.11
N ALA F 35 -7.62 43.55 19.42
CA ALA F 35 -7.35 44.42 20.56
C ALA F 35 -7.51 43.66 21.89
N ASN F 36 -8.28 42.57 21.85
CA ASN F 36 -8.44 41.70 23.02
C ASN F 36 -7.40 40.57 23.06
N GLY F 37 -6.39 40.68 22.20
CA GLY F 37 -5.26 39.74 22.20
C GLY F 37 -5.49 38.46 21.43
N ALA F 38 -6.46 38.46 20.52
CA ALA F 38 -6.75 37.29 19.68
C ALA F 38 -5.59 37.01 18.73
N ASP F 39 -5.19 35.75 18.66
CA ASP F 39 -4.06 35.33 17.83
C ASP F 39 -4.33 35.58 16.36
N VAL F 40 -3.58 36.54 15.80
CA VAL F 40 -3.65 36.89 14.37
C VAL F 40 -3.34 35.68 13.47
N ASN F 41 -2.62 34.71 14.02
CA ASN F 41 -2.21 33.50 13.30
C ASN F 41 -2.93 32.24 13.78
N ALA F 42 -4.19 32.40 14.20
CA ALA F 42 -5.01 31.28 14.64
C ALA F 42 -5.37 30.40 13.44
N MET F 43 -5.38 29.10 13.67
CA MET F 43 -5.63 28.11 12.61
C MET F 43 -6.78 27.20 12.97
N ASP F 44 -7.52 26.77 11.95
CA ASP F 44 -8.39 25.61 12.10
C ASP F 44 -7.54 24.37 11.81
N ASP F 45 -8.17 23.19 11.86
CA ASP F 45 -7.44 21.93 11.70
C ASP F 45 -6.91 21.69 10.29
N ALA F 46 -7.34 22.52 9.34
CA ALA F 46 -6.86 22.45 7.98
C ALA F 46 -5.78 23.49 7.70
N GLY F 47 -5.32 24.17 8.75
CA GLY F 47 -4.26 25.16 8.62
C GLY F 47 -4.71 26.50 8.05
N VAL F 48 -6.02 26.68 7.91
CA VAL F 48 -6.58 27.92 7.38
C VAL F 48 -6.47 29.04 8.44
N THR F 49 -5.84 30.13 8.06
CA THR F 49 -5.63 31.28 8.95
C THR F 49 -6.55 32.44 8.56
N PRO F 50 -6.70 33.45 9.42
CA PRO F 50 -7.50 34.62 9.04
C PRO F 50 -7.06 35.21 7.70
N LEU F 51 -5.75 35.29 7.48
CA LEU F 51 -5.20 35.81 6.23
C LEU F 51 -5.64 35.00 5.01
N HIS F 52 -5.66 33.67 5.13
CA HIS F 52 -6.20 32.79 4.09
C HIS F 52 -7.64 33.18 3.76
N LEU F 53 -8.48 33.26 4.81
CA LEU F 53 -9.89 33.60 4.66
C LEU F 53 -10.10 34.97 4.03
N ALA F 54 -9.38 35.98 4.53
CA ALA F 54 -9.54 37.34 4.04
C ALA F 54 -9.11 37.49 2.58
N ALA F 55 -8.01 36.84 2.21
CA ALA F 55 -7.53 36.84 0.83
C ALA F 55 -8.53 36.18 -0.13
N LYS F 56 -9.09 35.04 0.28
CA LYS F 56 -10.04 34.30 -0.55
C LYS F 56 -11.34 35.06 -0.76
N ARG F 57 -11.82 35.73 0.30
CA ARG F 57 -13.14 36.38 0.27
C ARG F 57 -13.10 37.82 -0.25
N GLY F 58 -11.89 38.31 -0.55
CA GLY F 58 -11.71 39.66 -1.07
C GLY F 58 -11.81 40.77 -0.04
N HIS F 59 -11.54 40.46 1.23
CA HIS F 59 -11.59 41.44 2.31
C HIS F 59 -10.26 42.18 2.45
N LEU F 60 -10.05 43.17 1.58
CA LEU F 60 -8.79 43.91 1.49
C LEU F 60 -8.33 44.54 2.80
N GLU F 61 -9.23 45.27 3.47
CA GLU F 61 -8.87 45.97 4.70
C GLU F 61 -8.51 45.02 5.83
N ILE F 62 -9.23 43.91 5.91
CA ILE F 62 -8.93 42.87 6.88
C ILE F 62 -7.55 42.25 6.60
N VAL F 63 -7.28 41.95 5.34
CA VAL F 63 -5.94 41.51 4.92
C VAL F 63 -4.87 42.48 5.47
N GLU F 64 -5.07 43.77 5.22
CA GLU F 64 -4.10 44.80 5.62
C GLU F 64 -3.91 44.92 7.14
N VAL F 65 -5.00 44.79 7.89
CA VAL F 65 -4.92 44.92 9.35
C VAL F 65 -4.33 43.66 9.99
N LEU F 66 -4.51 42.51 9.34
CA LEU F 66 -3.91 41.26 9.80
C LEU F 66 -2.40 41.28 9.59
N LEU F 67 -1.97 41.70 8.40
CA LEU F 67 -0.54 41.80 8.06
C LEU F 67 0.17 42.83 8.93
N LYS F 68 -0.53 43.92 9.24
CA LYS F 68 -0.03 44.98 10.12
C LYS F 68 0.29 44.43 11.51
N HIS F 69 -0.56 43.51 11.98
CA HIS F 69 -0.40 42.91 13.30
C HIS F 69 0.41 41.62 13.27
N GLY F 70 1.14 41.41 12.16
CA GLY F 70 2.09 40.31 12.04
C GLY F 70 1.51 38.96 11.67
N ALA F 71 0.47 38.96 10.83
CA ALA F 71 -0.07 37.71 10.29
C ALA F 71 0.96 37.08 9.36
N ASP F 72 1.13 35.76 9.47
CA ASP F 72 2.09 35.02 8.67
C ASP F 72 1.69 35.04 7.21
N VAL F 73 2.45 35.77 6.41
CA VAL F 73 2.15 35.97 4.99
C VAL F 73 2.32 34.69 4.16
N ASN F 74 3.13 33.77 4.66
CA ASN F 74 3.40 32.51 3.97
C ASN F 74 2.88 31.29 4.72
N ALA F 75 1.76 31.46 5.41
CA ALA F 75 1.08 30.34 6.07
C ALA F 75 0.57 29.38 5.01
N ARG F 76 0.66 28.08 5.32
CA ARG F 76 0.25 27.03 4.40
C ARG F 76 -0.93 26.28 4.97
N ASP F 77 -1.96 26.08 4.15
CA ASP F 77 -3.03 25.14 4.52
C ASP F 77 -2.59 23.72 4.18
N ILE F 78 -3.45 22.73 4.43
CA ILE F 78 -3.07 21.32 4.24
C ILE F 78 -2.82 20.92 2.78
N TRP F 79 -3.24 21.80 1.86
CA TRP F 79 -2.97 21.64 0.44
C TRP F 79 -1.78 22.51 0.00
N GLY F 80 -1.03 23.01 0.98
CA GLY F 80 0.17 23.80 0.74
C GLY F 80 -0.08 25.19 0.18
N ARG F 81 -1.33 25.61 0.17
CA ARG F 81 -1.71 26.90 -0.42
C ARG F 81 -1.51 28.04 0.58
N THR F 82 -0.86 29.10 0.09
CA THR F 82 -0.64 30.34 0.86
C THR F 82 -1.75 31.33 0.54
N PRO F 83 -1.90 32.40 1.36
CA PRO F 83 -2.87 33.45 1.06
C PRO F 83 -2.74 34.02 -0.36
N LEU F 84 -1.51 34.09 -0.87
CA LEU F 84 -1.25 34.55 -2.23
C LEU F 84 -1.90 33.66 -3.29
N HIS F 85 -1.89 32.34 -3.07
CA HIS F 85 -2.55 31.39 -3.95
C HIS F 85 -4.06 31.69 -4.04
N LEU F 86 -4.67 31.87 -2.87
CA LEU F 86 -6.11 32.09 -2.76
C LEU F 86 -6.56 33.42 -3.36
N ALA F 87 -5.74 34.45 -3.18
CA ALA F 87 -6.01 35.76 -3.75
C ALA F 87 -5.92 35.73 -5.27
N ALA F 88 -4.97 34.94 -5.78
CA ALA F 88 -4.80 34.74 -7.22
C ALA F 88 -5.99 34.01 -7.84
N THR F 89 -6.53 33.03 -7.12
CA THR F 89 -7.66 32.22 -7.59
C THR F 89 -8.88 33.08 -7.95
N VAL F 90 -9.27 33.97 -7.03
CA VAL F 90 -10.42 34.85 -7.25
C VAL F 90 -10.04 36.06 -8.09
N GLY F 91 -8.75 36.39 -8.11
CA GLY F 91 -8.23 37.49 -8.93
C GLY F 91 -8.40 38.86 -8.32
N HIS F 92 -8.14 38.97 -7.01
CA HIS F 92 -8.18 40.25 -6.31
C HIS F 92 -6.82 40.94 -6.41
N LEU F 93 -6.73 41.90 -7.31
CA LEU F 93 -5.47 42.59 -7.62
C LEU F 93 -4.82 43.27 -6.41
N GLU F 94 -5.62 44.04 -5.67
CA GLU F 94 -5.13 44.84 -4.54
C GLU F 94 -4.58 43.99 -3.39
N ILE F 95 -5.26 42.89 -3.08
CA ILE F 95 -4.82 41.96 -2.04
C ILE F 95 -3.49 41.31 -2.42
N VAL F 96 -3.38 40.89 -3.68
CA VAL F 96 -2.13 40.34 -4.23
C VAL F 96 -0.99 41.34 -4.03
N GLU F 97 -1.22 42.59 -4.42
CA GLU F 97 -0.21 43.65 -4.29
C GLU F 97 0.25 43.84 -2.84
N VAL F 98 -0.71 43.88 -1.91
CA VAL F 98 -0.42 44.06 -0.48
C VAL F 98 0.34 42.88 0.12
N LEU F 99 -0.05 41.66 -0.28
CA LEU F 99 0.64 40.45 0.14
C LEU F 99 2.11 40.45 -0.31
N LEU F 100 2.33 40.85 -1.55
CA LEU F 100 3.68 40.90 -2.13
C LEU F 100 4.58 41.93 -1.44
N GLU F 101 3.97 42.98 -0.91
CA GLU F 101 4.71 44.02 -0.18
C GLU F 101 5.20 43.51 1.17
N TYR F 102 4.42 42.62 1.78
CA TYR F 102 4.76 42.01 3.07
C TYR F 102 5.64 40.77 2.91
N GLY F 103 6.15 40.56 1.70
CA GLY F 103 7.12 39.50 1.43
C GLY F 103 6.52 38.13 1.16
N ALA F 104 5.36 38.09 0.51
CA ALA F 104 4.76 36.84 0.08
C ALA F 104 5.60 36.21 -1.03
N ASP F 105 5.75 34.90 -0.97
CA ASP F 105 6.60 34.15 -1.89
C ASP F 105 5.87 33.83 -3.19
N VAL F 106 6.34 34.42 -4.28
CA VAL F 106 5.80 34.17 -5.62
C VAL F 106 6.11 32.75 -6.10
N ASN F 107 7.19 32.18 -5.57
CA ASN F 107 7.65 30.85 -5.97
C ASN F 107 7.05 29.72 -5.13
N ALA F 108 6.36 30.09 -4.05
CA ALA F 108 5.71 29.13 -3.17
C ALA F 108 4.80 28.19 -3.95
N GLN F 109 5.09 26.90 -3.86
CA GLN F 109 4.28 25.88 -4.51
C GLN F 109 3.38 25.21 -3.49
N ASP F 110 2.14 24.94 -3.89
CA ASP F 110 1.25 24.13 -3.06
C ASP F 110 1.67 22.66 -3.15
N LYS F 111 1.03 21.78 -2.40
CA LYS F 111 1.40 20.38 -2.41
C LYS F 111 1.21 19.75 -3.78
N PHE F 112 0.56 20.50 -4.67
CA PHE F 112 0.28 20.04 -6.04
C PHE F 112 1.28 20.61 -7.05
N GLY F 113 2.16 21.50 -6.59
CA GLY F 113 3.22 22.06 -7.44
C GLY F 113 2.85 23.32 -8.21
N LYS F 114 1.80 24.01 -7.75
CA LYS F 114 1.33 25.22 -8.41
C LYS F 114 1.74 26.49 -7.68
N THR F 115 2.26 27.46 -8.43
CA THR F 115 2.59 28.79 -7.90
C THR F 115 1.42 29.75 -8.13
N ALA F 116 1.48 30.92 -7.51
CA ALA F 116 0.49 31.97 -7.72
C ALA F 116 0.44 32.39 -9.20
N PHE F 117 1.62 32.44 -9.82
CA PHE F 117 1.77 32.72 -11.24
C PHE F 117 1.09 31.66 -12.11
N ASP F 118 1.18 30.39 -11.70
CA ASP F 118 0.55 29.28 -12.42
C ASP F 118 -0.98 29.36 -12.41
N ILE F 119 -1.55 29.83 -11.29
CA ILE F 119 -3.00 29.98 -11.15
C ILE F 119 -3.53 31.12 -12.03
N SER F 120 -2.75 32.20 -12.12
CA SER F 120 -3.12 33.37 -12.92
C SER F 120 -3.22 33.07 -14.42
N ILE F 121 -2.38 32.15 -14.90
CA ILE F 121 -2.42 31.70 -16.28
C ILE F 121 -3.63 30.80 -16.52
N ASP F 122 -3.87 29.87 -15.58
CA ASP F 122 -5.00 28.95 -15.66
C ASP F 122 -6.35 29.65 -15.64
N ASN F 123 -6.44 30.74 -14.87
CA ASN F 123 -7.64 31.57 -14.82
C ASN F 123 -7.75 32.54 -16.01
N GLY F 124 -6.64 32.69 -16.75
CA GLY F 124 -6.58 33.60 -17.90
C GLY F 124 -6.55 35.07 -17.49
N ASN F 125 -6.15 35.33 -16.25
CA ASN F 125 -6.08 36.70 -15.71
C ASN F 125 -4.86 37.44 -16.24
N GLU F 126 -5.06 38.22 -17.31
CA GLU F 126 -3.98 38.93 -17.98
C GLU F 126 -3.50 40.18 -17.24
N ASP F 127 -4.23 40.58 -16.20
CA ASP F 127 -3.84 41.72 -15.37
C ASP F 127 -3.12 41.28 -14.09
N LEU F 128 -3.01 39.98 -13.90
CA LEU F 128 -2.44 39.41 -12.68
C LEU F 128 -1.09 38.71 -12.92
N ALA F 129 -0.91 38.19 -14.13
CA ALA F 129 0.29 37.43 -14.49
C ALA F 129 1.59 38.23 -14.50
N GLU F 130 1.51 39.49 -14.90
CA GLU F 130 2.68 40.36 -15.00
C GLU F 130 3.13 40.93 -13.65
N ILE F 131 2.19 41.04 -12.71
CA ILE F 131 2.49 41.41 -11.33
C ILE F 131 3.26 40.25 -10.67
N LEU F 132 2.84 39.03 -10.98
CA LEU F 132 3.48 37.82 -10.48
C LEU F 132 4.74 37.46 -11.27
#